data_1LLQ
#
_entry.id   1LLQ
#
_cell.length_a   130.62
_cell.length_b   130.62
_cell.length_c   149.230
_cell.angle_alpha   90.00
_cell.angle_beta   90.00
_cell.angle_gamma   120.00
#
_symmetry.space_group_name_H-M   'P 31 2 1'
#
loop_
_entity.id
_entity.type
_entity.pdbx_description
1 polymer 'NAD-dependent malic enzyme'
2 non-polymer NICOTINAMIDE-ADENINE-DINUCLEOTIDE
3 water water
#
_entity_poly.entity_id   1
_entity_poly.type   'polypeptide(L)'
_entity_poly.pdbx_seq_one_letter_code
;KSVAHHEDVYSHNLPPMDEKEMALYKLYRPERVTPKKRSAELLKEPRLNKGMGFSLYERQYLGLHGLLPPAFMTQEQQAY
RVITKLREQPNDLARYIQLDGLQDRNEKLFYRVVCDHVKELMPIVYTPTVGLACQNFGYIYRKPKGLYITINDNSVSKIY
QILSNWHEEDVRAIVVTDGERILGLGDLGAYGIGIPVGKLALYVALGGVQPKWCLPVLLDVGTNNMDLLNDPFYIGLRHK
RVRGKDYDTLLDNFMKACTKKYGQKTLIQFEDFANPNAFRLLDKYQDKYTMFNDDIQGTASVIVAGLLTCTRVTKKLVSQ
EKYLFFGAGAASTGIAEMIVHQMQNEGISKEEACNRIYLMDIDGLVTKNRKEMNPRHVQFAKDMPETTSILEVIRAARPG
ALIGASTVRGAFNEEVIRAMAEINERPIIFALSNPTSKAECTAEEAYTFTNGAALYASGSPFPNFELNGHTYKPGQGNNA
YIFPGVALGTILFQIRHVDNDLFLLAAKKVASCVTEDSLKVGRVYPQLKEIREISIQIAVEMAKYCYKNGTANLYPQPED
LEKYVRAQVYNTEYEELINATYDWPEQDMRHGFPVPVVRHDSMDG
;
_entity_poly.pdbx_strand_id   A,B
#
# COMPACT_ATOMS: atom_id res chain seq x y z
N SER A 2 -26.25 20.29 -19.48
CA SER A 2 -26.30 21.48 -18.58
C SER A 2 -27.73 21.83 -18.21
N VAL A 3 -27.87 22.47 -17.06
CA VAL A 3 -29.17 22.88 -16.54
C VAL A 3 -29.77 24.07 -17.31
N ALA A 4 -31.10 24.16 -17.33
CA ALA A 4 -31.81 25.24 -18.02
C ALA A 4 -31.55 26.57 -17.31
N HIS A 5 -31.86 27.68 -17.96
CA HIS A 5 -31.63 28.99 -17.36
C HIS A 5 -32.57 29.32 -16.20
N HIS A 6 -33.66 28.58 -16.09
CA HIS A 6 -34.63 28.80 -15.03
C HIS A 6 -34.46 27.81 -13.86
N GLU A 7 -33.47 26.93 -13.99
CA GLU A 7 -33.20 25.92 -12.96
C GLU A 7 -31.92 26.24 -12.18
N ASP A 8 -31.74 25.57 -11.05
CA ASP A 8 -30.54 25.75 -10.22
C ASP A 8 -29.63 24.55 -10.49
N VAL A 9 -28.36 24.63 -10.09
CA VAL A 9 -27.44 23.51 -10.30
C VAL A 9 -27.72 22.40 -9.29
N TYR A 10 -27.44 21.16 -9.70
CA TYR A 10 -27.67 19.97 -8.88
C TYR A 10 -28.87 20.07 -7.94
N SER A 11 -30.02 20.37 -8.54
CA SER A 11 -31.29 20.49 -7.81
C SER A 11 -32.35 19.64 -8.50
N HIS A 12 -31.94 18.48 -9.02
CA HIS A 12 -32.87 17.59 -9.71
C HIS A 12 -33.54 16.61 -8.76
N ASN A 13 -34.66 16.05 -9.22
CA ASN A 13 -35.43 15.06 -8.45
C ASN A 13 -35.41 15.31 -6.94
N LEU A 14 -35.97 16.44 -6.50
CA LEU A 14 -36.01 16.75 -5.07
C LEU A 14 -37.40 16.55 -4.48
N PRO A 15 -37.48 16.34 -3.16
CA PRO A 15 -38.77 16.14 -2.50
C PRO A 15 -39.58 17.43 -2.47
N PRO A 16 -40.90 17.35 -2.72
CA PRO A 16 -41.78 18.52 -2.71
C PRO A 16 -41.42 19.49 -1.59
N MET A 17 -41.17 20.75 -1.94
CA MET A 17 -40.80 21.72 -0.92
C MET A 17 -41.49 23.08 -0.92
N ASP A 18 -41.86 23.49 0.28
CA ASP A 18 -42.50 24.76 0.55
C ASP A 18 -41.45 25.84 0.24
N GLU A 19 -41.86 26.94 -0.37
CA GLU A 19 -40.93 28.02 -0.71
C GLU A 19 -39.96 28.31 0.43
N LYS A 20 -40.50 28.41 1.65
CA LYS A 20 -39.69 28.67 2.85
C LYS A 20 -38.78 27.47 3.15
N GLU A 21 -39.30 26.27 2.92
CA GLU A 21 -38.56 25.04 3.16
C GLU A 21 -37.41 24.93 2.16
N MET A 22 -37.68 25.34 0.93
CA MET A 22 -36.71 25.31 -0.16
C MET A 22 -35.49 26.19 0.15
N ALA A 23 -35.75 27.41 0.61
CA ALA A 23 -34.68 28.35 0.91
C ALA A 23 -33.74 27.83 2.00
N LEU A 24 -34.34 27.28 3.06
CA LEU A 24 -33.57 26.74 4.18
C LEU A 24 -32.70 25.59 3.68
N TYR A 25 -33.27 24.79 2.78
CA TYR A 25 -32.55 23.65 2.22
C TYR A 25 -31.35 24.15 1.42
N LYS A 26 -31.57 25.13 0.55
CA LYS A 26 -30.49 25.67 -0.26
C LYS A 26 -29.42 26.30 0.60
N LEU A 27 -29.82 26.93 1.70
CA LEU A 27 -28.88 27.57 2.60
C LEU A 27 -27.97 26.58 3.34
N TYR A 28 -28.55 25.47 3.77
CA TYR A 28 -27.81 24.43 4.52
C TYR A 28 -27.08 23.36 3.71
N ARG A 29 -27.61 22.98 2.55
CA ARG A 29 -27.00 21.90 1.77
C ARG A 29 -25.54 21.99 1.39
N PRO A 30 -24.87 20.82 1.33
CA PRO A 30 -23.45 20.80 0.98
C PRO A 30 -23.33 21.22 -0.48
N GLU A 31 -22.30 22.01 -0.79
CA GLU A 31 -22.08 22.49 -2.15
C GLU A 31 -21.01 21.64 -2.83
N ARG A 32 -21.06 21.53 -4.15
CA ARG A 32 -20.09 20.75 -4.89
C ARG A 32 -18.72 21.42 -4.87
N VAL A 33 -17.69 20.60 -4.78
CA VAL A 33 -16.31 21.07 -4.73
C VAL A 33 -15.51 20.33 -5.79
N THR A 34 -15.02 21.07 -6.79
CA THR A 34 -14.25 20.44 -7.85
C THR A 34 -12.76 20.43 -7.48
N PRO A 35 -12.09 19.28 -7.64
CA PRO A 35 -10.67 19.13 -7.34
C PRO A 35 -9.77 19.80 -8.37
N LYS A 36 -8.53 20.06 -7.97
CA LYS A 36 -7.56 20.69 -8.87
C LYS A 36 -6.65 19.64 -9.54
N LYS A 37 -6.56 18.44 -8.97
CA LYS A 37 -5.71 17.38 -9.52
C LYS A 37 -6.32 16.49 -10.60
N ARG A 38 -5.46 15.96 -11.45
CA ARG A 38 -5.86 15.09 -12.56
C ARG A 38 -5.02 13.83 -12.62
N SER A 39 -5.46 12.88 -13.44
CA SER A 39 -4.71 11.66 -13.66
C SER A 39 -4.26 10.96 -12.40
N ALA A 40 -3.00 10.51 -12.41
CA ALA A 40 -2.44 9.78 -11.27
C ALA A 40 -2.44 10.59 -9.99
N GLU A 41 -2.17 11.89 -10.08
CA GLU A 41 -2.19 12.70 -8.87
C GLU A 41 -3.55 12.66 -8.19
N LEU A 42 -4.61 12.50 -8.98
CA LEU A 42 -5.95 12.44 -8.40
C LEU A 42 -6.21 11.05 -7.84
N LEU A 43 -5.84 10.01 -8.58
CA LEU A 43 -6.09 8.65 -8.10
C LEU A 43 -5.43 8.40 -6.74
N LYS A 44 -4.33 9.11 -6.47
CA LYS A 44 -3.59 8.97 -5.23
C LYS A 44 -4.11 9.83 -4.08
N GLU A 45 -5.20 10.54 -4.32
CA GLU A 45 -5.83 11.34 -3.29
C GLU A 45 -7.01 10.53 -2.76
N PRO A 46 -6.88 9.98 -1.54
CA PRO A 46 -7.92 9.17 -0.90
C PRO A 46 -9.29 9.85 -0.93
N ARG A 47 -9.30 11.14 -0.66
CA ARG A 47 -10.56 11.89 -0.61
C ARG A 47 -11.25 12.06 -1.96
N LEU A 48 -10.52 11.84 -3.04
CA LEU A 48 -11.13 11.99 -4.36
C LEU A 48 -11.29 10.67 -5.10
N ASN A 49 -10.32 9.78 -4.92
CA ASN A 49 -10.31 8.50 -5.62
C ASN A 49 -11.46 7.56 -5.35
N LYS A 50 -12.13 7.16 -6.44
CA LYS A 50 -13.25 6.22 -6.39
C LYS A 50 -12.82 4.87 -6.97
N GLY A 51 -11.59 4.80 -7.49
CA GLY A 51 -11.13 3.56 -8.08
C GLY A 51 -11.99 3.22 -9.28
N MET A 52 -12.25 1.94 -9.49
CA MET A 52 -13.08 1.52 -10.60
C MET A 52 -14.53 2.01 -10.47
N GLY A 53 -14.78 2.79 -9.43
CA GLY A 53 -16.10 3.35 -9.24
C GLY A 53 -16.28 4.53 -10.19
N PHE A 54 -15.17 5.02 -10.74
CA PHE A 54 -15.17 6.14 -11.69
C PHE A 54 -15.81 5.66 -13.00
N SER A 55 -16.80 6.40 -13.49
CA SER A 55 -17.43 6.00 -14.74
C SER A 55 -16.46 6.32 -15.87
N LEU A 56 -16.77 5.81 -17.05
CA LEU A 56 -15.93 6.01 -18.24
C LEU A 56 -15.86 7.49 -18.61
N TYR A 57 -16.96 8.22 -18.49
CA TYR A 57 -16.95 9.63 -18.82
C TYR A 57 -16.07 10.34 -17.81
N GLU A 58 -16.25 10.02 -16.53
CA GLU A 58 -15.40 10.64 -15.52
C GLU A 58 -13.92 10.41 -15.80
N ARG A 59 -13.56 9.19 -16.22
CA ARG A 59 -12.16 8.87 -16.46
C ARG A 59 -11.54 9.67 -17.59
N GLN A 60 -12.26 9.77 -18.70
CA GLN A 60 -11.80 10.50 -19.86
C GLN A 60 -11.67 11.97 -19.53
N TYR A 61 -12.66 12.53 -18.84
CA TYR A 61 -12.67 13.93 -18.45
C TYR A 61 -11.53 14.32 -17.52
N LEU A 62 -11.30 13.51 -16.49
CA LEU A 62 -10.27 13.80 -15.51
C LEU A 62 -8.90 13.24 -15.81
N GLY A 63 -8.69 12.72 -17.02
CA GLY A 63 -7.38 12.18 -17.35
C GLY A 63 -7.01 10.92 -16.58
N LEU A 64 -8.01 10.12 -16.23
CA LEU A 64 -7.81 8.87 -15.50
C LEU A 64 -7.85 7.66 -16.43
N HIS A 65 -8.49 7.79 -17.59
CA HIS A 65 -8.62 6.66 -18.51
C HIS A 65 -7.33 5.95 -18.86
N GLY A 66 -7.33 4.62 -18.72
CA GLY A 66 -6.15 3.83 -18.99
C GLY A 66 -5.33 3.58 -17.74
N LEU A 67 -5.54 4.36 -16.68
CA LEU A 67 -4.80 4.17 -15.44
C LEU A 67 -5.50 3.18 -14.49
N LEU A 68 -6.75 2.85 -14.80
CA LEU A 68 -7.52 1.89 -14.02
C LEU A 68 -7.91 0.76 -14.98
N PRO A 69 -8.14 -0.46 -14.46
CA PRO A 69 -8.51 -1.60 -15.30
C PRO A 69 -9.84 -1.26 -15.97
N PRO A 70 -10.11 -1.85 -17.14
CA PRO A 70 -11.34 -1.60 -17.90
C PRO A 70 -12.62 -2.17 -17.33
N ALA A 71 -12.81 -2.05 -16.03
CA ALA A 71 -14.03 -2.54 -15.41
C ALA A 71 -14.65 -1.40 -14.62
N PHE A 72 -15.97 -1.35 -14.58
CA PHE A 72 -16.69 -0.30 -13.88
C PHE A 72 -17.51 -0.88 -12.73
N MET A 73 -17.46 -0.22 -11.58
CA MET A 73 -18.14 -0.71 -10.40
C MET A 73 -19.00 0.33 -9.69
N THR A 74 -20.01 -0.16 -8.96
CA THR A 74 -20.85 0.71 -8.16
C THR A 74 -20.15 0.64 -6.81
N GLN A 75 -20.49 1.54 -5.89
CA GLN A 75 -19.83 1.51 -4.58
C GLN A 75 -20.20 0.29 -3.77
N GLU A 76 -21.41 -0.21 -3.99
CA GLU A 76 -21.88 -1.39 -3.26
C GLU A 76 -21.03 -2.58 -3.67
N GLN A 77 -20.83 -2.74 -4.97
CA GLN A 77 -20.02 -3.83 -5.49
C GLN A 77 -18.60 -3.75 -4.92
N GLN A 78 -18.07 -2.54 -4.85
CA GLN A 78 -16.73 -2.31 -4.31
C GLN A 78 -16.68 -2.69 -2.84
N ALA A 79 -17.71 -2.28 -2.11
CA ALA A 79 -17.79 -2.56 -0.69
C ALA A 79 -17.89 -4.07 -0.48
N TYR A 80 -18.57 -4.73 -1.43
CA TYR A 80 -18.74 -6.17 -1.39
C TYR A 80 -17.35 -6.80 -1.47
N ARG A 81 -16.60 -6.41 -2.49
CA ARG A 81 -15.27 -6.94 -2.70
C ARG A 81 -14.38 -6.74 -1.47
N VAL A 82 -14.47 -5.57 -0.83
CA VAL A 82 -13.64 -5.35 0.34
C VAL A 82 -14.04 -6.28 1.47
N ILE A 83 -15.35 -6.36 1.73
CA ILE A 83 -15.85 -7.23 2.81
C ILE A 83 -15.43 -8.68 2.62
N THR A 84 -15.60 -9.20 1.42
CA THR A 84 -15.22 -10.58 1.12
C THR A 84 -13.75 -10.81 1.44
N LYS A 85 -12.88 -9.99 0.87
CA LYS A 85 -11.45 -10.10 1.08
C LYS A 85 -11.08 -9.92 2.56
N LEU A 86 -11.85 -9.11 3.26
CA LEU A 86 -11.62 -8.83 4.66
C LEU A 86 -11.78 -10.09 5.50
N ARG A 87 -12.86 -10.81 5.23
CA ARG A 87 -13.17 -12.05 5.94
C ARG A 87 -12.29 -13.23 5.57
N GLU A 88 -11.55 -13.12 4.46
CA GLU A 88 -10.66 -14.19 4.05
C GLU A 88 -9.28 -14.01 4.66
N GLN A 89 -9.09 -12.89 5.35
CA GLN A 89 -7.79 -12.63 5.98
C GLN A 89 -7.61 -13.65 7.10
N PRO A 90 -6.35 -14.04 7.35
CA PRO A 90 -5.92 -15.02 8.37
C PRO A 90 -6.23 -14.64 9.82
N ASN A 91 -6.08 -13.36 10.14
CA ASN A 91 -6.32 -12.88 11.50
C ASN A 91 -6.80 -11.44 11.53
N ASP A 92 -7.03 -10.91 12.72
CA ASP A 92 -7.49 -9.54 12.89
C ASP A 92 -6.43 -8.51 12.49
N LEU A 93 -5.17 -8.81 12.76
CA LEU A 93 -4.10 -7.88 12.39
C LEU A 93 -4.04 -7.67 10.88
N ALA A 94 -4.23 -8.74 10.11
CA ALA A 94 -4.21 -8.63 8.66
C ALA A 94 -5.38 -7.76 8.19
N ARG A 95 -6.51 -7.87 8.87
CA ARG A 95 -7.67 -7.07 8.52
C ARG A 95 -7.38 -5.60 8.82
N TYR A 96 -6.70 -5.35 9.94
CA TYR A 96 -6.34 -3.99 10.31
C TYR A 96 -5.48 -3.40 9.21
N ILE A 97 -4.44 -4.13 8.83
CA ILE A 97 -3.53 -3.68 7.78
C ILE A 97 -4.30 -3.42 6.49
N GLN A 98 -5.30 -4.25 6.21
CA GLN A 98 -6.07 -4.09 4.98
C GLN A 98 -6.90 -2.80 5.00
N LEU A 99 -7.59 -2.58 6.11
CA LEU A 99 -8.45 -1.42 6.29
C LEU A 99 -7.65 -0.11 6.33
N ASP A 100 -6.45 -0.17 6.88
CA ASP A 100 -5.59 1.01 6.97
C ASP A 100 -5.21 1.41 5.55
N GLY A 101 -4.95 0.39 4.73
CA GLY A 101 -4.58 0.60 3.34
C GLY A 101 -5.75 1.17 2.56
N LEU A 102 -6.96 0.71 2.89
CA LEU A 102 -8.17 1.17 2.24
C LEU A 102 -8.44 2.66 2.55
N GLN A 103 -8.19 3.06 3.79
CA GLN A 103 -8.40 4.44 4.21
C GLN A 103 -7.48 5.34 3.37
N ASP A 104 -6.29 4.85 3.05
CA ASP A 104 -5.33 5.60 2.25
C ASP A 104 -5.56 5.49 0.74
N ARG A 105 -6.49 4.64 0.32
CA ARG A 105 -6.74 4.47 -1.11
C ARG A 105 -8.04 5.09 -1.56
N ASN A 106 -9.11 4.79 -0.85
CA ASN A 106 -10.44 5.28 -1.19
C ASN A 106 -11.22 5.57 0.11
N GLU A 107 -11.15 6.81 0.57
CA GLU A 107 -11.81 7.22 1.80
C GLU A 107 -13.34 6.99 1.86
N LYS A 108 -14.03 7.23 0.75
CA LYS A 108 -15.48 7.03 0.71
C LYS A 108 -15.81 5.55 0.89
N LEU A 109 -15.07 4.69 0.19
CA LEU A 109 -15.28 3.26 0.28
C LEU A 109 -14.97 2.78 1.70
N PHE A 110 -13.89 3.29 2.27
CA PHE A 110 -13.49 2.95 3.63
C PHE A 110 -14.63 3.15 4.62
N TYR A 111 -15.05 4.40 4.78
CA TYR A 111 -16.14 4.70 5.70
C TYR A 111 -17.43 4.02 5.29
N ARG A 112 -17.59 3.72 4.00
CA ARG A 112 -18.78 3.01 3.55
C ARG A 112 -18.74 1.61 4.20
N VAL A 113 -17.65 0.91 3.98
CA VAL A 113 -17.43 -0.42 4.53
C VAL A 113 -17.47 -0.45 6.06
N VAL A 114 -16.70 0.43 6.70
CA VAL A 114 -16.67 0.47 8.16
C VAL A 114 -18.01 0.81 8.80
N CYS A 115 -18.82 1.62 8.13
CA CYS A 115 -20.12 1.99 8.67
C CYS A 115 -21.17 0.89 8.46
N ASP A 116 -21.08 0.18 7.35
CA ASP A 116 -22.03 -0.89 7.07
C ASP A 116 -21.85 -2.11 7.97
N HIS A 117 -20.62 -2.35 8.39
CA HIS A 117 -20.34 -3.50 9.25
C HIS A 117 -19.66 -3.00 10.52
N VAL A 118 -20.26 -1.97 11.12
CA VAL A 118 -19.68 -1.36 12.31
C VAL A 118 -19.40 -2.31 13.48
N LYS A 119 -20.30 -3.24 13.76
CA LYS A 119 -20.10 -4.16 14.88
C LYS A 119 -18.91 -5.08 14.60
N GLU A 120 -18.89 -5.61 13.39
CA GLU A 120 -17.85 -6.54 12.93
C GLU A 120 -16.46 -5.92 12.75
N LEU A 121 -16.39 -4.62 12.43
CA LEU A 121 -15.09 -3.98 12.18
C LEU A 121 -14.64 -2.94 13.18
N MET A 122 -15.52 -2.48 14.05
CA MET A 122 -15.11 -1.48 15.02
C MET A 122 -13.95 -1.96 15.89
N PRO A 123 -13.94 -3.25 16.27
CA PRO A 123 -12.83 -3.72 17.09
C PRO A 123 -11.54 -3.91 16.29
N ILE A 124 -11.67 -3.85 14.97
CA ILE A 124 -10.51 -3.99 14.08
C ILE A 124 -9.88 -2.61 13.89
N VAL A 125 -10.69 -1.66 13.44
CA VAL A 125 -10.27 -0.29 13.19
C VAL A 125 -9.70 0.36 14.44
N TYR A 126 -10.27 0.05 15.60
CA TYR A 126 -9.78 0.63 16.84
C TYR A 126 -9.75 -0.39 17.98
N THR A 127 -10.72 -0.24 18.89
CA THR A 127 -10.92 -1.06 20.08
C THR A 127 -9.71 -1.86 20.57
N PRO A 128 -9.52 -3.13 20.13
CA PRO A 128 -8.32 -3.80 20.66
C PRO A 128 -7.21 -4.08 19.64
N THR A 129 -7.59 -4.24 18.38
CA THR A 129 -6.64 -4.55 17.31
C THR A 129 -5.61 -3.47 16.99
N VAL A 130 -6.02 -2.21 17.03
CA VAL A 130 -5.10 -1.12 16.71
C VAL A 130 -3.84 -1.11 17.58
N GLY A 131 -4.02 -1.26 18.88
CA GLY A 131 -2.87 -1.27 19.78
C GLY A 131 -1.99 -2.50 19.56
N LEU A 132 -2.63 -3.62 19.23
CA LEU A 132 -1.88 -4.86 18.99
C LEU A 132 -1.00 -4.66 17.77
N ALA A 133 -1.55 -3.94 16.79
CA ALA A 133 -0.82 -3.67 15.57
C ALA A 133 0.41 -2.80 15.86
N CYS A 134 0.24 -1.71 16.62
CA CYS A 134 1.37 -0.85 16.93
C CYS A 134 2.50 -1.65 17.55
N GLN A 135 2.15 -2.47 18.53
CA GLN A 135 3.10 -3.32 19.25
C GLN A 135 3.79 -4.40 18.43
N ASN A 136 3.03 -5.11 17.61
CA ASN A 136 3.59 -6.21 16.81
C ASN A 136 4.25 -5.89 15.48
N PHE A 137 3.72 -4.94 14.72
CA PHE A 137 4.32 -4.60 13.44
C PHE A 137 5.47 -3.61 13.56
N GLY A 138 5.44 -2.80 14.61
CA GLY A 138 6.48 -1.80 14.77
C GLY A 138 6.10 -0.66 13.83
N TYR A 139 7.01 -0.27 12.94
CA TYR A 139 6.71 0.79 11.99
C TYR A 139 5.89 0.20 10.86
N ILE A 140 4.71 0.76 10.65
CA ILE A 140 3.81 0.28 9.61
C ILE A 140 3.85 1.22 8.41
N TYR A 141 4.07 0.66 7.21
CA TYR A 141 4.12 1.45 5.99
C TYR A 141 2.73 2.01 5.71
N ARG A 142 2.67 3.29 5.35
CA ARG A 142 1.41 3.95 5.02
C ARG A 142 1.67 5.38 4.55
N LYS A 143 0.64 6.03 4.01
CA LYS A 143 0.77 7.41 3.55
C LYS A 143 0.86 8.27 4.82
N PRO A 144 1.35 9.52 4.71
CA PRO A 144 1.48 10.41 5.87
C PRO A 144 0.12 10.83 6.46
N LYS A 145 -0.44 10.01 7.34
CA LYS A 145 -1.75 10.31 7.92
C LYS A 145 -1.72 10.88 9.33
N GLY A 146 -0.57 11.39 9.76
CA GLY A 146 -0.48 11.97 11.10
C GLY A 146 0.80 12.76 11.28
N LEU A 147 0.88 13.52 12.36
CA LEU A 147 2.08 14.30 12.64
C LEU A 147 2.83 13.84 13.90
N TYR A 148 4.16 13.85 13.82
CA TYR A 148 5.02 13.52 14.93
C TYR A 148 5.67 14.85 15.36
N ILE A 149 5.39 15.27 16.60
CA ILE A 149 5.95 16.50 17.17
C ILE A 149 6.73 16.04 18.41
N THR A 150 8.03 16.31 18.43
CA THR A 150 8.86 15.88 19.55
C THR A 150 9.34 16.96 20.51
N ILE A 151 9.94 16.51 21.62
CA ILE A 151 10.47 17.39 22.66
C ILE A 151 11.59 18.24 22.10
N ASN A 152 12.07 17.89 20.91
CA ASN A 152 13.12 18.69 20.25
C ASN A 152 12.53 19.71 19.27
N ASP A 153 11.20 19.80 19.25
CA ASP A 153 10.51 20.77 18.42
C ASP A 153 9.71 21.64 19.39
N ASN A 154 10.32 21.93 20.53
CA ASN A 154 9.68 22.68 21.61
C ASN A 154 9.62 24.21 21.48
N SER A 155 8.56 24.69 20.85
CA SER A 155 8.32 26.13 20.69
C SER A 155 7.08 26.29 19.85
N VAL A 156 6.39 27.42 20.00
CA VAL A 156 5.19 27.67 19.22
C VAL A 156 5.53 27.61 17.73
N SER A 157 6.61 28.28 17.34
CA SER A 157 7.03 28.30 15.94
C SER A 157 7.39 26.95 15.33
N LYS A 158 8.18 26.15 16.03
CA LYS A 158 8.57 24.85 15.50
C LYS A 158 7.38 23.92 15.29
N ILE A 159 6.43 23.97 16.20
CA ILE A 159 5.24 23.15 16.07
C ILE A 159 4.34 23.75 14.98
N TYR A 160 4.31 25.08 14.93
CA TYR A 160 3.50 25.77 13.92
C TYR A 160 3.98 25.33 12.54
N GLN A 161 5.30 25.33 12.32
CA GLN A 161 5.84 24.90 11.05
C GLN A 161 5.49 23.44 10.73
N ILE A 162 5.44 22.59 11.76
CA ILE A 162 5.09 21.19 11.53
C ILE A 162 3.64 21.11 11.09
N LEU A 163 2.76 21.83 11.79
CA LEU A 163 1.36 21.81 11.43
C LEU A 163 1.21 22.36 10.01
N SER A 164 2.06 23.32 9.65
CA SER A 164 2.01 23.92 8.32
C SER A 164 2.34 22.92 7.23
N ASN A 165 3.00 21.82 7.58
CA ASN A 165 3.35 20.82 6.58
C ASN A 165 2.18 19.88 6.31
N TRP A 166 1.13 20.00 7.12
CA TRP A 166 -0.06 19.17 6.95
C TRP A 166 -0.84 19.73 5.75
N HIS A 167 -1.28 18.83 4.88
CA HIS A 167 -2.02 19.16 3.66
C HIS A 167 -3.39 19.82 3.76
N GLU A 168 -4.00 19.82 4.94
CA GLU A 168 -5.30 20.45 5.08
C GLU A 168 -5.17 21.69 5.95
N GLU A 169 -5.86 22.76 5.56
CA GLU A 169 -5.80 23.99 6.30
C GLU A 169 -7.00 24.14 7.24
N ASP A 170 -8.09 23.43 6.94
CA ASP A 170 -9.30 23.51 7.75
C ASP A 170 -9.42 22.40 8.81
N VAL A 171 -8.44 22.32 9.69
CA VAL A 171 -8.45 21.34 10.77
C VAL A 171 -9.34 21.88 11.91
N ARG A 172 -10.30 21.06 12.37
CA ARG A 172 -11.20 21.46 13.45
C ARG A 172 -11.23 20.43 14.61
N ALA A 173 -10.54 19.30 14.41
CA ALA A 173 -10.51 18.25 15.43
C ALA A 173 -9.18 17.52 15.46
N ILE A 174 -8.50 17.61 16.60
CA ILE A 174 -7.21 16.97 16.80
C ILE A 174 -7.28 15.94 17.95
N VAL A 175 -6.70 14.76 17.73
CA VAL A 175 -6.64 13.74 18.76
C VAL A 175 -5.17 13.54 18.96
N VAL A 176 -4.69 13.81 20.17
CA VAL A 176 -3.27 13.69 20.48
C VAL A 176 -2.99 12.65 21.57
N THR A 177 -1.76 12.13 21.56
CA THR A 177 -1.32 11.14 22.55
C THR A 177 0.19 11.19 22.64
N ASP A 178 0.74 10.88 23.82
CA ASP A 178 2.19 10.84 23.92
C ASP A 178 2.57 9.38 23.94
N GLY A 179 1.57 8.53 23.72
CA GLY A 179 1.73 7.09 23.64
C GLY A 179 2.33 6.38 24.84
N GLU A 180 2.22 7.00 26.01
CA GLU A 180 2.76 6.41 27.22
C GLU A 180 1.87 5.33 27.81
N ARG A 181 0.57 5.41 27.55
CA ARG A 181 -0.38 4.44 28.08
C ARG A 181 -1.38 3.93 27.03
N ILE A 182 -0.89 3.27 25.99
CA ILE A 182 -1.77 2.72 24.97
C ILE A 182 -2.64 1.65 25.64
N LEU A 183 -3.95 1.85 25.58
CA LEU A 183 -4.94 0.96 26.20
C LEU A 183 -4.65 -0.53 26.17
N GLY A 184 -4.22 -1.06 27.32
CA GLY A 184 -3.92 -2.48 27.43
C GLY A 184 -2.59 -2.93 26.86
N LEU A 185 -1.60 -2.06 26.86
CA LEU A 185 -0.28 -2.42 26.34
C LEU A 185 0.83 -1.62 26.98
N GLY A 186 0.51 -0.42 27.46
CA GLY A 186 1.52 0.40 28.11
C GLY A 186 2.32 1.27 27.15
N ASP A 187 3.43 1.77 27.63
CA ASP A 187 4.31 2.64 26.86
C ASP A 187 4.76 2.02 25.53
N LEU A 188 4.23 2.54 24.43
CA LEU A 188 4.63 2.05 23.11
C LEU A 188 5.36 3.13 22.30
N GLY A 189 5.55 4.29 22.92
CA GLY A 189 6.25 5.39 22.28
C GLY A 189 5.79 5.82 20.89
N ALA A 190 6.76 6.13 20.04
CA ALA A 190 6.48 6.56 18.67
C ALA A 190 5.64 5.58 17.86
N TYR A 191 5.50 4.34 18.35
CA TYR A 191 4.70 3.33 17.64
C TYR A 191 3.20 3.57 17.84
N GLY A 192 2.85 4.46 18.76
CA GLY A 192 1.45 4.73 19.05
C GLY A 192 0.66 5.58 18.08
N ILE A 193 1.31 6.03 17.00
CA ILE A 193 0.66 6.88 16.02
C ILE A 193 -0.67 6.32 15.53
N GLY A 194 -0.82 5.00 15.60
CA GLY A 194 -2.05 4.36 15.13
C GLY A 194 -3.29 4.66 15.97
N ILE A 195 -3.07 5.00 17.25
CA ILE A 195 -4.16 5.30 18.17
C ILE A 195 -4.94 6.56 17.75
N PRO A 196 -4.24 7.69 17.55
CA PRO A 196 -4.94 8.92 17.13
C PRO A 196 -5.63 8.68 15.79
N VAL A 197 -4.94 7.97 14.91
CA VAL A 197 -5.50 7.68 13.59
C VAL A 197 -6.80 6.91 13.74
N GLY A 198 -6.78 5.85 14.52
CA GLY A 198 -7.97 5.04 14.72
C GLY A 198 -9.11 5.81 15.36
N LYS A 199 -8.81 6.55 16.42
CA LYS A 199 -9.84 7.33 17.11
C LYS A 199 -10.53 8.27 16.10
N LEU A 200 -9.74 9.09 15.41
CA LEU A 200 -10.30 10.01 14.41
C LEU A 200 -11.14 9.23 13.38
N ALA A 201 -10.69 8.03 13.02
CA ALA A 201 -11.47 7.26 12.07
C ALA A 201 -12.89 7.03 12.61
N LEU A 202 -13.02 6.84 13.93
CA LEU A 202 -14.34 6.63 14.53
C LEU A 202 -15.15 7.94 14.58
N TYR A 203 -14.46 9.06 14.79
CA TYR A 203 -15.13 10.37 14.80
C TYR A 203 -15.96 10.47 13.53
N VAL A 204 -15.35 10.10 12.41
CA VAL A 204 -15.99 10.14 11.10
C VAL A 204 -16.99 9.04 10.90
N ALA A 205 -16.58 7.79 11.14
CA ALA A 205 -17.48 6.66 10.94
C ALA A 205 -18.72 6.68 11.82
N LEU A 206 -18.53 7.01 13.10
CA LEU A 206 -19.62 7.00 14.06
C LEU A 206 -20.22 8.36 14.43
N GLY A 207 -19.43 9.42 14.31
CA GLY A 207 -19.92 10.76 14.62
C GLY A 207 -20.42 11.57 13.44
N GLY A 208 -19.92 11.29 12.24
CA GLY A 208 -20.36 12.05 11.08
C GLY A 208 -19.46 13.26 10.93
N VAL A 209 -18.35 13.25 11.65
CA VAL A 209 -17.39 14.33 11.59
C VAL A 209 -16.70 14.30 10.22
N GLN A 210 -16.51 15.48 9.62
CA GLN A 210 -15.88 15.56 8.30
C GLN A 210 -14.43 15.10 8.38
N PRO A 211 -14.04 14.11 7.56
CA PRO A 211 -12.66 13.63 7.59
C PRO A 211 -11.59 14.69 7.38
N LYS A 212 -11.87 15.66 6.51
CA LYS A 212 -10.88 16.72 6.24
C LYS A 212 -10.60 17.55 7.51
N TRP A 213 -11.51 17.52 8.47
CA TRP A 213 -11.30 18.28 9.70
C TRP A 213 -10.43 17.57 10.73
N CYS A 214 -10.07 16.32 10.46
CA CYS A 214 -9.29 15.50 11.41
C CYS A 214 -7.77 15.42 11.27
N LEU A 215 -7.06 15.54 12.39
CA LEU A 215 -5.61 15.47 12.40
C LEU A 215 -5.04 14.62 13.56
N PRO A 216 -4.39 13.48 13.25
CA PRO A 216 -3.81 12.61 14.29
C PRO A 216 -2.44 13.16 14.67
N VAL A 217 -2.17 13.28 15.97
CA VAL A 217 -0.87 13.80 16.39
C VAL A 217 -0.24 12.88 17.44
N LEU A 218 1.08 12.76 17.40
CA LEU A 218 1.75 11.94 18.41
C LEU A 218 2.91 12.75 18.95
N LEU A 219 2.93 12.95 20.26
CA LEU A 219 4.00 13.69 20.92
C LEU A 219 5.06 12.68 21.35
N ASP A 220 6.30 12.90 20.94
CA ASP A 220 7.40 12.00 21.29
C ASP A 220 8.39 12.68 22.23
N VAL A 221 8.36 12.30 23.49
CA VAL A 221 9.25 12.87 24.48
C VAL A 221 10.17 11.77 25.00
N GLY A 222 10.26 10.69 24.21
CA GLY A 222 11.08 9.56 24.57
C GLY A 222 10.18 8.40 24.99
N THR A 223 10.77 7.33 25.51
CA THR A 223 9.98 6.18 25.96
C THR A 223 10.67 5.45 27.12
N ASN A 224 9.86 4.86 27.99
CA ASN A 224 10.39 4.14 29.14
C ASN A 224 10.30 2.63 28.91
N ASN A 225 9.76 2.23 27.77
CA ASN A 225 9.65 0.83 27.45
C ASN A 225 11.06 0.39 27.05
N MET A 226 11.72 -0.34 27.95
CA MET A 226 13.09 -0.79 27.71
C MET A 226 13.30 -1.68 26.51
N ASP A 227 12.27 -2.39 26.08
CA ASP A 227 12.42 -3.23 24.90
C ASP A 227 12.70 -2.30 23.71
N LEU A 228 11.79 -1.34 23.48
CA LEU A 228 11.95 -0.41 22.37
C LEU A 228 13.35 0.22 22.30
N LEU A 229 13.87 0.66 23.44
CA LEU A 229 15.18 1.29 23.45
C LEU A 229 16.30 0.31 23.10
N ASN A 230 15.97 -0.98 23.10
CA ASN A 230 16.96 -2.00 22.76
C ASN A 230 16.69 -2.48 21.36
N ASP A 231 15.49 -2.16 20.88
CA ASP A 231 15.04 -2.55 19.55
C ASP A 231 15.80 -1.75 18.48
N PRO A 232 16.57 -2.43 17.63
CA PRO A 232 17.31 -1.71 16.59
C PRO A 232 16.39 -1.18 15.49
N PHE A 233 15.11 -1.48 15.60
CA PHE A 233 14.15 -1.05 14.60
C PHE A 233 13.24 0.08 15.06
N TYR A 234 13.21 0.33 16.37
CA TYR A 234 12.37 1.40 16.94
C TYR A 234 12.67 2.71 16.20
N ILE A 235 11.64 3.44 15.83
CA ILE A 235 11.85 4.68 15.09
C ILE A 235 11.56 5.95 15.86
N GLY A 236 11.46 5.83 17.18
CA GLY A 236 11.20 6.99 18.00
C GLY A 236 12.48 7.51 18.62
N LEU A 237 12.38 8.65 19.30
CA LEU A 237 13.51 9.25 19.98
C LEU A 237 14.07 8.21 20.95
N ARG A 238 15.39 7.98 20.92
CA ARG A 238 15.94 6.96 21.80
C ARG A 238 16.48 7.39 23.16
N HIS A 239 15.55 7.55 24.10
CA HIS A 239 15.87 7.91 25.48
C HIS A 239 14.58 7.88 26.30
N LYS A 240 14.72 7.73 27.61
CA LYS A 240 13.56 7.67 28.49
C LYS A 240 12.79 8.97 28.36
N ARG A 241 11.53 8.95 28.77
CA ARG A 241 10.65 10.10 28.70
C ARG A 241 11.11 11.35 29.47
N VAL A 242 10.96 12.52 28.85
CA VAL A 242 11.33 13.79 29.50
C VAL A 242 10.10 14.16 30.32
N ARG A 243 10.29 14.64 31.56
CA ARG A 243 9.15 14.96 32.41
C ARG A 243 9.19 16.28 33.17
N GLY A 244 10.29 17.01 33.08
CA GLY A 244 10.38 18.26 33.81
C GLY A 244 9.37 19.33 33.44
N LYS A 245 9.86 20.56 33.43
CA LYS A 245 9.06 21.71 33.05
C LYS A 245 8.96 21.59 31.53
N ASP A 246 10.03 21.07 30.92
CA ASP A 246 10.11 20.88 29.47
C ASP A 246 8.91 20.14 28.93
N TYR A 247 8.47 19.09 29.63
CA TYR A 247 7.31 18.35 29.18
C TYR A 247 6.11 19.27 29.27
N ASP A 248 6.01 20.00 30.38
CA ASP A 248 4.91 20.94 30.60
C ASP A 248 4.91 22.06 29.57
N THR A 249 6.10 22.52 29.20
CA THR A 249 6.23 23.58 28.22
C THR A 249 5.79 23.04 26.83
N LEU A 250 6.25 21.85 26.47
CA LEU A 250 5.89 21.26 25.17
C LEU A 250 4.39 21.23 25.00
N LEU A 251 3.68 20.72 26.00
CA LEU A 251 2.24 20.69 25.89
C LEU A 251 1.64 22.10 25.82
N ASP A 252 2.24 23.04 26.55
CA ASP A 252 1.74 24.40 26.53
C ASP A 252 1.92 25.00 25.13
N ASN A 253 3.12 24.89 24.59
CA ASN A 253 3.40 25.41 23.25
C ASN A 253 2.51 24.69 22.24
N PHE A 254 2.28 23.41 22.45
CA PHE A 254 1.45 22.61 21.55
C PHE A 254 0.01 23.13 21.47
N MET A 255 -0.60 23.35 22.63
CA MET A 255 -1.97 23.86 22.63
C MET A 255 -1.99 25.25 22.00
N LYS A 256 -0.95 26.03 22.26
CA LYS A 256 -0.87 27.38 21.70
C LYS A 256 -0.73 27.31 20.19
N ALA A 257 0.29 26.60 19.73
CA ALA A 257 0.55 26.45 18.31
C ALA A 257 -0.70 25.94 17.58
N CYS A 258 -1.34 24.91 18.11
CA CYS A 258 -2.54 24.38 17.46
C CYS A 258 -3.64 25.42 17.28
N THR A 259 -3.93 26.19 18.34
CA THR A 259 -5.00 27.20 18.24
C THR A 259 -4.55 28.41 17.45
N LYS A 260 -3.26 28.72 17.51
CA LYS A 260 -2.74 29.86 16.76
C LYS A 260 -2.88 29.59 15.26
N LYS A 261 -2.69 28.33 14.89
CA LYS A 261 -2.75 27.90 13.50
C LYS A 261 -4.17 27.72 12.98
N TYR A 262 -4.96 26.93 13.69
CA TYR A 262 -6.33 26.64 13.24
C TYR A 262 -7.43 27.42 13.97
N GLY A 263 -7.05 28.18 14.98
CA GLY A 263 -8.05 28.93 15.72
C GLY A 263 -8.37 28.34 17.08
N GLN A 264 -8.76 29.21 18.00
CA GLN A 264 -9.10 28.84 19.37
C GLN A 264 -10.22 27.82 19.48
N LYS A 265 -11.07 27.72 18.45
CA LYS A 265 -12.17 26.77 18.54
C LYS A 265 -11.79 25.32 18.23
N THR A 266 -10.54 25.10 17.87
CA THR A 266 -10.06 23.76 17.52
C THR A 266 -10.22 22.75 18.66
N LEU A 267 -10.96 21.66 18.40
CA LEU A 267 -11.16 20.63 19.41
C LEU A 267 -9.92 19.75 19.52
N ILE A 268 -9.30 19.74 20.71
CA ILE A 268 -8.10 18.95 20.96
C ILE A 268 -8.44 17.91 22.02
N GLN A 269 -8.43 16.63 21.66
CA GLN A 269 -8.76 15.57 22.61
C GLN A 269 -7.55 14.71 22.94
N PHE A 270 -7.29 14.52 24.24
CA PHE A 270 -6.16 13.72 24.66
C PHE A 270 -6.50 12.22 24.73
N GLU A 271 -5.58 11.39 24.26
CA GLU A 271 -5.79 9.94 24.23
C GLU A 271 -4.61 9.16 24.80
N ASP A 272 -4.92 8.07 25.48
CA ASP A 272 -3.93 7.18 26.06
C ASP A 272 -2.75 7.81 26.78
N PHE A 273 -2.98 8.85 27.57
CA PHE A 273 -1.88 9.43 28.34
C PHE A 273 -1.78 8.61 29.63
N ALA A 274 -0.65 8.67 30.31
CA ALA A 274 -0.51 7.93 31.57
C ALA A 274 -1.50 8.56 32.54
N ASN A 275 -2.31 7.74 33.19
CA ASN A 275 -3.33 8.21 34.13
C ASN A 275 -3.06 9.53 34.86
N PRO A 276 -1.99 9.60 35.67
CA PRO A 276 -1.68 10.83 36.39
C PRO A 276 -1.63 12.08 35.51
N ASN A 277 -0.87 11.98 34.41
CA ASN A 277 -0.73 13.08 33.47
C ASN A 277 -2.07 13.46 32.87
N ALA A 278 -2.81 12.43 32.46
CA ALA A 278 -4.11 12.62 31.86
C ALA A 278 -5.02 13.47 32.72
N PHE A 279 -5.05 13.19 34.02
CA PHE A 279 -5.92 13.96 34.90
C PHE A 279 -5.41 15.38 35.07
N ARG A 280 -4.11 15.52 35.34
CA ARG A 280 -3.54 16.85 35.50
C ARG A 280 -3.83 17.68 34.23
N LEU A 281 -3.28 17.23 33.11
CA LEU A 281 -3.46 17.92 31.83
C LEU A 281 -4.91 18.31 31.60
N LEU A 282 -5.85 17.39 31.85
CA LEU A 282 -7.27 17.72 31.66
C LEU A 282 -7.66 18.88 32.57
N ASP A 283 -7.14 18.88 33.79
CA ASP A 283 -7.47 19.94 34.73
C ASP A 283 -6.85 21.28 34.31
N LYS A 284 -5.67 21.24 33.72
CA LYS A 284 -4.99 22.46 33.31
C LYS A 284 -5.57 23.13 32.06
N TYR A 285 -6.16 22.37 31.15
CA TYR A 285 -6.66 22.94 29.91
C TYR A 285 -8.18 23.00 29.74
N GLN A 286 -8.90 22.21 30.52
CA GLN A 286 -10.36 22.15 30.46
C GLN A 286 -11.09 23.48 30.26
N ASP A 287 -10.67 24.50 30.99
CA ASP A 287 -11.32 25.81 30.91
C ASP A 287 -10.57 26.84 30.07
N LYS A 288 -9.42 26.44 29.52
CA LYS A 288 -8.63 27.35 28.69
C LYS A 288 -8.72 27.00 27.20
N TYR A 289 -9.17 25.79 26.88
CA TYR A 289 -9.27 25.35 25.49
C TYR A 289 -10.47 24.46 25.21
N THR A 290 -10.71 24.19 23.93
CA THR A 290 -11.80 23.30 23.55
C THR A 290 -11.14 21.92 23.59
N MET A 291 -11.05 21.37 24.80
CA MET A 291 -10.38 20.11 25.03
C MET A 291 -11.15 19.15 25.94
N PHE A 292 -10.78 17.87 25.89
CA PHE A 292 -11.38 16.85 26.73
C PHE A 292 -10.61 15.53 26.58
N ASN A 293 -10.61 14.74 27.65
CA ASN A 293 -9.91 13.46 27.67
C ASN A 293 -10.92 12.31 27.70
N ASP A 294 -11.03 11.59 26.58
CA ASP A 294 -12.00 10.50 26.50
C ASP A 294 -11.86 9.38 27.54
N ASP A 295 -10.64 8.94 27.80
CA ASP A 295 -10.41 7.88 28.77
C ASP A 295 -11.07 8.20 30.10
N ILE A 296 -11.01 9.47 30.50
CA ILE A 296 -11.57 9.94 31.77
C ILE A 296 -13.05 10.30 31.69
N GLN A 297 -13.35 11.35 30.94
CA GLN A 297 -14.72 11.83 30.79
C GLN A 297 -15.58 10.96 29.89
N GLY A 298 -14.97 10.37 28.88
CA GLY A 298 -15.73 9.52 27.98
C GLY A 298 -16.29 8.33 28.75
N THR A 299 -15.39 7.66 29.46
CA THR A 299 -15.70 6.49 30.28
C THR A 299 -16.82 6.85 31.26
N ALA A 300 -16.55 7.86 32.08
CA ALA A 300 -17.50 8.35 33.06
C ALA A 300 -18.90 8.48 32.43
N SER A 301 -18.98 9.18 31.31
CA SER A 301 -20.25 9.38 30.62
C SER A 301 -20.89 8.11 30.03
N VAL A 302 -20.07 7.18 29.56
CA VAL A 302 -20.63 5.96 28.97
C VAL A 302 -21.33 5.14 30.03
N ILE A 303 -20.63 4.94 31.15
CA ILE A 303 -21.15 4.18 32.27
C ILE A 303 -22.41 4.83 32.86
N VAL A 304 -22.32 6.11 33.20
CA VAL A 304 -23.48 6.81 33.76
C VAL A 304 -24.70 6.63 32.86
N ALA A 305 -24.48 6.55 31.55
CA ALA A 305 -25.58 6.38 30.61
C ALA A 305 -26.19 4.98 30.75
N GLY A 306 -25.37 4.01 31.12
CA GLY A 306 -25.86 2.66 31.30
C GLY A 306 -26.62 2.58 32.62
N LEU A 307 -26.08 3.24 33.65
CA LEU A 307 -26.71 3.26 34.96
C LEU A 307 -28.04 4.01 34.87
N LEU A 308 -28.05 5.06 34.05
CA LEU A 308 -29.25 5.85 33.83
C LEU A 308 -30.30 5.04 33.09
N THR A 309 -29.87 4.16 32.20
CA THR A 309 -30.82 3.33 31.46
C THR A 309 -31.39 2.28 32.39
N CYS A 310 -30.55 1.78 33.31
CA CYS A 310 -30.95 0.77 34.29
C CYS A 310 -32.02 1.36 35.20
N THR A 311 -31.97 2.67 35.39
CA THR A 311 -32.93 3.38 36.22
C THR A 311 -34.37 3.04 35.82
N ARG A 312 -34.59 2.86 34.52
CA ARG A 312 -35.92 2.54 34.01
C ARG A 312 -36.43 1.16 34.45
N VAL A 313 -35.57 0.39 35.13
CA VAL A 313 -35.96 -0.94 35.58
C VAL A 313 -35.95 -1.03 37.11
N THR A 314 -34.89 -0.53 37.74
CA THR A 314 -34.79 -0.56 39.19
C THR A 314 -35.72 0.49 39.79
N LYS A 315 -36.49 1.15 38.94
CA LYS A 315 -37.43 2.19 39.35
C LYS A 315 -36.85 3.11 40.41
N LYS A 316 -35.52 3.16 40.49
CA LYS A 316 -34.83 4.00 41.46
C LYS A 316 -33.94 5.01 40.76
N LEU A 317 -34.14 6.29 41.05
CA LEU A 317 -33.33 7.35 40.46
C LEU A 317 -31.87 7.22 40.88
N VAL A 318 -30.99 7.79 40.08
CA VAL A 318 -29.56 7.76 40.36
C VAL A 318 -29.29 8.30 41.76
N SER A 319 -30.11 9.27 42.16
CA SER A 319 -29.99 9.89 43.48
C SER A 319 -30.74 9.08 44.54
N GLN A 320 -31.41 8.02 44.09
CA GLN A 320 -32.17 7.13 44.97
C GLN A 320 -31.55 5.73 44.84
N GLU A 321 -30.24 5.71 44.64
CA GLU A 321 -29.50 4.47 44.48
C GLU A 321 -28.22 4.51 45.30
N LYS A 322 -27.56 3.37 45.41
CA LYS A 322 -26.29 3.27 46.13
C LYS A 322 -25.37 2.41 45.28
N TYR A 323 -24.17 2.92 44.99
CA TYR A 323 -23.21 2.22 44.16
C TYR A 323 -21.95 1.74 44.87
N LEU A 324 -21.50 0.55 44.50
CA LEU A 324 -20.28 -0.03 45.08
C LEU A 324 -19.29 -0.34 43.97
N PHE A 325 -18.22 0.45 43.90
CA PHE A 325 -17.19 0.27 42.88
C PHE A 325 -16.07 -0.63 43.37
N PHE A 326 -15.86 -1.74 42.68
CA PHE A 326 -14.78 -2.64 43.04
C PHE A 326 -13.60 -2.17 42.18
N GLY A 327 -12.79 -1.31 42.78
CA GLY A 327 -11.66 -0.73 42.07
C GLY A 327 -11.80 0.77 42.28
N ALA A 328 -10.69 1.46 42.53
CA ALA A 328 -10.74 2.89 42.76
C ALA A 328 -9.69 3.64 41.92
N GLY A 329 -9.53 3.23 40.66
CA GLY A 329 -8.57 3.87 39.79
C GLY A 329 -9.18 4.99 38.96
N ALA A 330 -8.65 5.19 37.76
CA ALA A 330 -9.14 6.24 36.87
C ALA A 330 -10.62 6.04 36.54
N ALA A 331 -10.92 4.94 35.84
CA ALA A 331 -12.28 4.62 35.45
C ALA A 331 -13.30 4.79 36.57
N SER A 332 -13.11 4.03 37.65
CA SER A 332 -14.03 4.10 38.78
C SER A 332 -14.16 5.48 39.40
N THR A 333 -13.03 6.12 39.70
CA THR A 333 -13.06 7.45 40.30
C THR A 333 -13.82 8.44 39.43
N GLY A 334 -13.53 8.44 38.13
CA GLY A 334 -14.21 9.35 37.22
C GLY A 334 -15.70 9.11 37.18
N ILE A 335 -16.10 7.85 37.05
CA ILE A 335 -17.51 7.48 36.98
C ILE A 335 -18.24 7.91 38.26
N ALA A 336 -17.56 7.86 39.38
CA ALA A 336 -18.17 8.24 40.66
C ALA A 336 -18.50 9.73 40.66
N GLU A 337 -17.47 10.55 40.50
CA GLU A 337 -17.61 12.01 40.50
C GLU A 337 -18.72 12.44 39.53
N MET A 338 -18.83 11.72 38.41
CA MET A 338 -19.87 12.02 37.42
C MET A 338 -21.23 11.64 37.96
N ILE A 339 -21.29 10.51 38.66
CA ILE A 339 -22.55 10.05 39.25
C ILE A 339 -23.00 11.06 40.30
N VAL A 340 -22.03 11.68 40.97
CA VAL A 340 -22.30 12.69 41.98
C VAL A 340 -22.93 13.93 41.32
N HIS A 341 -22.22 14.50 40.35
CA HIS A 341 -22.70 15.67 39.62
C HIS A 341 -24.17 15.43 39.28
N GLN A 342 -24.43 14.31 38.61
CA GLN A 342 -25.79 13.95 38.21
C GLN A 342 -26.76 14.02 39.39
N MET A 343 -26.40 13.36 40.48
CA MET A 343 -27.24 13.35 41.68
C MET A 343 -27.60 14.76 42.14
N GLN A 344 -26.61 15.65 42.13
CA GLN A 344 -26.85 17.04 42.54
C GLN A 344 -27.81 17.71 41.58
N ASN A 345 -27.73 17.35 40.30
CA ASN A 345 -28.64 17.91 39.30
C ASN A 345 -30.00 17.27 39.49
N GLU A 346 -30.09 16.33 40.43
CA GLU A 346 -31.34 15.65 40.71
C GLU A 346 -31.99 16.17 41.99
N GLY A 347 -31.61 17.38 42.39
CA GLY A 347 -32.16 17.98 43.58
C GLY A 347 -31.60 17.46 44.88
N ILE A 348 -30.29 17.24 44.92
CA ILE A 348 -29.64 16.76 46.14
C ILE A 348 -28.36 17.54 46.39
N SER A 349 -27.74 17.30 47.54
CA SER A 349 -26.50 17.98 47.91
C SER A 349 -25.30 17.08 47.66
N LYS A 350 -24.10 17.65 47.77
CA LYS A 350 -22.87 16.90 47.54
C LYS A 350 -22.51 16.13 48.81
N GLU A 351 -23.48 15.98 49.70
CA GLU A 351 -23.27 15.25 50.95
C GLU A 351 -23.90 13.87 50.79
N GLU A 352 -25.21 13.85 50.67
CA GLU A 352 -25.97 12.63 50.52
C GLU A 352 -25.60 11.94 49.21
N ALA A 353 -24.92 12.68 48.33
CA ALA A 353 -24.50 12.16 47.04
C ALA A 353 -23.31 11.22 47.20
N CYS A 354 -22.20 11.75 47.69
CA CYS A 354 -21.00 10.97 47.88
C CYS A 354 -21.21 9.84 48.88
N ASN A 355 -22.11 10.07 49.83
CA ASN A 355 -22.42 9.08 50.86
C ASN A 355 -23.09 7.84 50.27
N ARG A 356 -23.52 7.93 49.02
CA ARG A 356 -24.19 6.82 48.35
C ARG A 356 -23.27 6.03 47.43
N ILE A 357 -21.98 6.32 47.50
CA ILE A 357 -21.01 5.64 46.67
C ILE A 357 -19.86 5.09 47.50
N TYR A 358 -19.62 3.80 47.35
CA TYR A 358 -18.54 3.12 48.08
C TYR A 358 -17.47 2.67 47.10
N LEU A 359 -16.21 2.88 47.47
CA LEU A 359 -15.09 2.49 46.62
C LEU A 359 -14.16 1.49 47.31
N MET A 360 -13.75 0.48 46.57
CA MET A 360 -12.83 -0.53 47.06
C MET A 360 -11.59 -0.49 46.18
N ASP A 361 -10.41 -0.49 46.79
CA ASP A 361 -9.18 -0.48 46.02
C ASP A 361 -8.41 -1.75 46.38
N ILE A 362 -7.17 -1.84 45.93
CA ILE A 362 -6.35 -3.01 46.22
C ILE A 362 -6.23 -3.23 47.74
N ASP A 363 -6.28 -2.14 48.51
CA ASP A 363 -6.19 -2.24 49.96
C ASP A 363 -7.57 -2.23 50.62
N GLY A 364 -8.48 -3.00 50.06
CA GLY A 364 -9.83 -3.09 50.61
C GLY A 364 -10.71 -1.85 50.45
N LEU A 365 -11.66 -1.70 51.37
CA LEU A 365 -12.58 -0.57 51.35
C LEU A 365 -11.85 0.74 51.61
N VAL A 366 -12.40 1.83 51.12
CA VAL A 366 -11.80 3.15 51.34
C VAL A 366 -12.51 3.86 52.47
N THR A 367 -12.01 3.66 53.69
CA THR A 367 -12.57 4.27 54.89
C THR A 367 -11.92 5.62 55.11
N LYS A 368 -12.07 6.17 56.32
CA LYS A 368 -11.49 7.47 56.61
C LYS A 368 -10.16 7.38 57.39
N ASN A 369 -10.02 6.35 58.21
CA ASN A 369 -8.80 6.17 59.00
C ASN A 369 -7.58 5.96 58.10
N ARG A 370 -7.76 6.26 56.82
CA ARG A 370 -6.72 6.09 55.80
C ARG A 370 -5.47 6.96 55.99
N LYS A 371 -4.37 6.52 55.38
CA LYS A 371 -3.09 7.22 55.41
C LYS A 371 -2.62 7.32 53.97
N GLU A 372 -2.24 8.52 53.52
CA GLU A 372 -1.76 8.71 52.16
C GLU A 372 -2.73 8.19 51.09
N MET A 373 -3.92 8.77 51.03
CA MET A 373 -4.91 8.37 50.03
C MET A 373 -5.08 9.49 48.99
N ASN A 374 -5.68 9.15 47.85
CA ASN A 374 -5.90 10.14 46.79
C ASN A 374 -6.92 11.18 47.24
N PRO A 375 -6.63 12.48 47.01
CA PRO A 375 -7.48 13.62 47.37
C PRO A 375 -8.90 13.51 46.80
N ARG A 376 -9.04 12.76 45.72
CA ARG A 376 -10.32 12.58 45.07
C ARG A 376 -11.15 11.51 45.77
N HIS A 377 -10.46 10.58 46.42
CA HIS A 377 -11.11 9.50 47.16
C HIS A 377 -11.68 10.04 48.48
N VAL A 378 -10.98 11.02 49.05
CA VAL A 378 -11.37 11.64 50.32
C VAL A 378 -12.87 11.85 50.50
N GLN A 379 -13.51 12.55 49.57
CA GLN A 379 -14.93 12.82 49.67
C GLN A 379 -15.82 11.59 49.56
N PHE A 380 -15.23 10.44 49.22
CA PHE A 380 -15.99 9.21 49.11
C PHE A 380 -15.71 8.25 50.26
N ALA A 381 -14.56 8.42 50.92
CA ALA A 381 -14.20 7.57 52.04
C ALA A 381 -15.39 7.48 52.99
N LYS A 382 -15.60 6.32 53.57
CA LYS A 382 -16.72 6.12 54.49
C LYS A 382 -16.25 5.86 55.92
N ASP A 383 -17.00 6.41 56.88
CA ASP A 383 -16.67 6.23 58.29
C ASP A 383 -17.16 4.89 58.79
N MET A 384 -16.62 3.81 58.23
CA MET A 384 -17.01 2.47 58.64
C MET A 384 -15.81 1.54 58.83
N PRO A 385 -16.04 0.27 59.22
CA PRO A 385 -14.97 -0.70 59.45
C PRO A 385 -14.19 -1.18 58.22
N GLU A 386 -12.87 -1.14 58.31
CA GLU A 386 -11.99 -1.57 57.23
C GLU A 386 -12.20 -3.05 56.91
N THR A 387 -12.30 -3.38 55.61
CA THR A 387 -12.50 -4.76 55.17
C THR A 387 -12.08 -4.97 53.72
N THR A 388 -11.73 -6.22 53.38
CA THR A 388 -11.30 -6.57 52.03
C THR A 388 -12.31 -7.48 51.33
N SER A 389 -13.35 -7.86 52.05
CA SER A 389 -14.37 -8.75 51.50
C SER A 389 -15.43 -7.96 50.72
N ILE A 390 -15.68 -8.37 49.48
CA ILE A 390 -16.70 -7.70 48.69
C ILE A 390 -18.01 -7.96 49.40
N LEU A 391 -18.30 -9.25 49.61
CA LEU A 391 -19.53 -9.70 50.27
C LEU A 391 -19.80 -8.91 51.54
N GLU A 392 -18.78 -8.70 52.35
CA GLU A 392 -18.94 -7.96 53.59
C GLU A 392 -19.38 -6.52 53.34
N VAL A 393 -18.79 -5.88 52.33
CA VAL A 393 -19.14 -4.50 51.99
C VAL A 393 -20.55 -4.48 51.38
N ILE A 394 -20.85 -5.51 50.59
CA ILE A 394 -22.15 -5.63 49.96
C ILE A 394 -23.22 -5.78 51.03
N ARG A 395 -22.90 -6.52 52.09
CA ARG A 395 -23.84 -6.75 53.17
C ARG A 395 -24.06 -5.52 54.03
N ALA A 396 -22.97 -4.81 54.35
CA ALA A 396 -23.07 -3.61 55.18
C ALA A 396 -23.88 -2.50 54.50
N ALA A 397 -23.42 -2.06 53.32
CA ALA A 397 -24.09 -0.99 52.59
C ALA A 397 -25.22 -1.46 51.68
N ARG A 398 -25.27 -2.76 51.42
CA ARG A 398 -26.30 -3.32 50.54
C ARG A 398 -26.54 -2.42 49.32
N PRO A 399 -25.49 -2.19 48.50
CA PRO A 399 -25.59 -1.34 47.32
C PRO A 399 -26.67 -1.76 46.34
N GLY A 400 -27.01 -0.84 45.43
CA GLY A 400 -28.02 -1.13 44.42
C GLY A 400 -27.39 -1.62 43.14
N ALA A 401 -26.12 -1.25 42.95
CA ALA A 401 -25.36 -1.64 41.76
C ALA A 401 -23.88 -1.83 42.06
N LEU A 402 -23.31 -2.89 41.49
CA LEU A 402 -21.90 -3.23 41.66
C LEU A 402 -21.18 -3.04 40.32
N ILE A 403 -20.17 -2.18 40.32
CA ILE A 403 -19.41 -1.89 39.10
C ILE A 403 -17.97 -2.35 39.22
N GLY A 404 -17.53 -3.17 38.27
CA GLY A 404 -16.17 -3.68 38.30
C GLY A 404 -15.22 -2.99 37.34
N ALA A 405 -14.21 -2.34 37.92
CA ALA A 405 -13.17 -1.64 37.17
C ALA A 405 -11.85 -1.90 37.88
N SER A 406 -11.51 -3.17 38.01
CA SER A 406 -10.28 -3.60 38.66
C SER A 406 -9.73 -4.77 37.87
N THR A 407 -8.42 -4.76 37.64
CA THR A 407 -7.75 -5.81 36.89
C THR A 407 -8.26 -7.24 37.13
N VAL A 408 -8.49 -7.58 38.40
CA VAL A 408 -8.93 -8.91 38.82
C VAL A 408 -10.03 -9.64 38.06
N ARG A 409 -9.63 -10.76 37.45
CA ARG A 409 -10.56 -11.60 36.73
C ARG A 409 -11.44 -12.34 37.73
N GLY A 410 -12.68 -12.63 37.34
CA GLY A 410 -13.59 -13.34 38.22
C GLY A 410 -13.71 -12.81 39.63
N ALA A 411 -13.35 -11.55 39.85
CA ALA A 411 -13.43 -10.95 41.18
C ALA A 411 -14.88 -10.92 41.68
N PHE A 412 -15.82 -11.18 40.78
CA PHE A 412 -17.23 -11.20 41.11
C PHE A 412 -17.71 -12.65 41.07
N ASN A 413 -17.37 -13.41 42.12
CA ASN A 413 -17.72 -14.83 42.22
C ASN A 413 -19.21 -15.11 42.45
N GLU A 414 -19.58 -16.38 42.30
CA GLU A 414 -20.97 -16.81 42.46
C GLU A 414 -21.63 -16.23 43.71
N GLU A 415 -20.94 -16.26 44.84
CA GLU A 415 -21.49 -15.72 46.08
C GLU A 415 -21.82 -14.24 45.94
N VAL A 416 -20.84 -13.46 45.49
CA VAL A 416 -21.03 -12.02 45.33
C VAL A 416 -22.20 -11.69 44.42
N ILE A 417 -22.40 -12.48 43.38
CA ILE A 417 -23.52 -12.27 42.48
C ILE A 417 -24.80 -12.67 43.21
N ARG A 418 -24.71 -13.76 43.99
CA ARG A 418 -25.85 -14.25 44.76
C ARG A 418 -26.31 -13.19 45.75
N ALA A 419 -25.35 -12.57 46.44
CA ALA A 419 -25.66 -11.54 47.42
C ALA A 419 -26.42 -10.37 46.78
N MET A 420 -25.89 -9.85 45.68
CA MET A 420 -26.49 -8.72 44.98
C MET A 420 -27.96 -8.97 44.62
N ALA A 421 -28.28 -10.20 44.24
CA ALA A 421 -29.64 -10.55 43.87
C ALA A 421 -30.55 -10.58 45.10
N GLU A 422 -30.01 -11.09 46.20
CA GLU A 422 -30.77 -11.18 47.45
C GLU A 422 -31.24 -9.82 47.92
N ILE A 423 -30.33 -8.87 47.95
CA ILE A 423 -30.61 -7.51 48.40
C ILE A 423 -31.39 -6.66 47.40
N ASN A 424 -31.40 -7.07 46.14
CA ASN A 424 -32.09 -6.29 45.12
C ASN A 424 -32.86 -7.19 44.15
N GLU A 425 -34.09 -6.81 43.83
CA GLU A 425 -34.92 -7.58 42.91
C GLU A 425 -34.22 -7.71 41.56
N ARG A 426 -33.62 -6.61 41.10
CA ARG A 426 -32.88 -6.58 39.84
C ARG A 426 -31.56 -5.86 40.14
N PRO A 427 -30.48 -6.63 40.37
CA PRO A 427 -29.16 -6.07 40.67
C PRO A 427 -28.34 -5.65 39.45
N ILE A 428 -27.75 -4.46 39.53
CA ILE A 428 -26.92 -3.94 38.45
C ILE A 428 -25.49 -4.41 38.64
N ILE A 429 -24.99 -5.15 37.65
CA ILE A 429 -23.62 -5.67 37.72
C ILE A 429 -22.86 -5.39 36.43
N PHE A 430 -21.84 -4.54 36.53
CA PHE A 430 -21.02 -4.17 35.37
C PHE A 430 -19.59 -4.71 35.50
N ALA A 431 -19.18 -5.52 34.53
CA ALA A 431 -17.82 -6.09 34.50
C ALA A 431 -17.08 -5.35 33.38
N LEU A 432 -16.47 -4.22 33.74
CA LEU A 432 -15.78 -3.38 32.77
C LEU A 432 -14.35 -3.77 32.35
N SER A 433 -13.59 -4.37 33.26
CA SER A 433 -12.22 -4.73 32.92
C SER A 433 -12.07 -5.37 31.54
N ASN A 434 -11.08 -4.93 30.78
CA ASN A 434 -10.84 -5.46 29.44
C ASN A 434 -9.49 -6.18 29.39
N PRO A 435 -9.36 -7.23 28.56
CA PRO A 435 -10.40 -7.80 27.68
C PRO A 435 -11.34 -8.70 28.50
N THR A 436 -12.13 -9.52 27.82
CA THR A 436 -13.06 -10.41 28.52
C THR A 436 -12.34 -11.33 29.50
N SER A 437 -11.08 -11.63 29.21
CA SER A 437 -10.29 -12.50 30.08
C SER A 437 -9.88 -11.79 31.36
N LYS A 438 -10.26 -10.52 31.50
CA LYS A 438 -9.94 -9.75 32.70
C LYS A 438 -11.23 -9.36 33.40
N ALA A 439 -12.36 -9.73 32.79
CA ALA A 439 -13.67 -9.39 33.34
C ALA A 439 -13.91 -9.93 34.75
N GLU A 440 -14.44 -9.06 35.61
CA GLU A 440 -14.75 -9.43 36.99
C GLU A 440 -15.72 -10.62 37.02
N CYS A 441 -16.42 -10.84 35.91
CA CYS A 441 -17.34 -11.95 35.76
C CYS A 441 -17.91 -11.89 34.35
N THR A 442 -18.49 -12.98 33.86
CA THR A 442 -19.04 -13.00 32.52
C THR A 442 -20.55 -12.81 32.49
N ALA A 443 -21.08 -12.68 31.27
CA ALA A 443 -22.51 -12.50 31.07
C ALA A 443 -23.22 -13.75 31.57
N GLU A 444 -22.74 -14.91 31.13
CA GLU A 444 -23.30 -16.20 31.53
C GLU A 444 -23.38 -16.29 33.05
N GLU A 445 -22.25 -15.99 33.70
CA GLU A 445 -22.16 -16.04 35.15
C GLU A 445 -23.16 -15.08 35.82
N ALA A 446 -23.19 -13.85 35.34
CA ALA A 446 -24.09 -12.84 35.90
C ALA A 446 -25.57 -13.18 35.78
N TYR A 447 -25.97 -13.79 34.66
CA TYR A 447 -27.37 -14.14 34.45
C TYR A 447 -27.77 -15.40 35.23
N THR A 448 -27.04 -16.48 35.01
CA THR A 448 -27.31 -17.74 35.70
C THR A 448 -27.39 -17.56 37.22
N PHE A 449 -26.36 -16.97 37.81
CA PHE A 449 -26.32 -16.77 39.25
C PHE A 449 -27.26 -15.68 39.76
N THR A 450 -28.22 -15.29 38.92
CA THR A 450 -29.21 -14.28 39.29
C THR A 450 -30.55 -14.74 38.73
N ASN A 451 -30.57 -16.00 38.27
CA ASN A 451 -31.78 -16.60 37.71
C ASN A 451 -32.28 -15.77 36.53
N GLY A 452 -31.39 -14.93 35.99
CA GLY A 452 -31.73 -14.10 34.85
C GLY A 452 -32.31 -12.74 35.16
N ALA A 453 -32.16 -12.28 36.40
CA ALA A 453 -32.71 -10.99 36.81
C ALA A 453 -31.71 -9.83 36.77
N ALA A 454 -30.42 -10.14 36.78
CA ALA A 454 -29.39 -9.12 36.77
C ALA A 454 -29.38 -8.22 35.54
N LEU A 455 -28.84 -7.02 35.71
CA LEU A 455 -28.71 -6.05 34.62
C LEU A 455 -27.21 -5.98 34.42
N TYR A 456 -26.74 -6.67 33.38
CA TYR A 456 -25.31 -6.75 33.09
C TYR A 456 -24.82 -5.96 31.89
N ALA A 457 -23.62 -5.42 32.04
CA ALA A 457 -22.96 -4.65 31.01
C ALA A 457 -21.47 -4.89 31.23
N SER A 458 -20.71 -5.03 30.15
CA SER A 458 -19.27 -5.25 30.25
C SER A 458 -18.48 -4.32 29.34
N GLY A 459 -17.17 -4.32 29.50
CA GLY A 459 -16.32 -3.48 28.67
C GLY A 459 -16.01 -4.16 27.37
N SER A 460 -15.96 -5.49 27.40
CA SER A 460 -15.66 -6.27 26.20
C SER A 460 -16.89 -7.05 25.80
N PRO A 461 -16.99 -7.43 24.52
CA PRO A 461 -18.13 -8.17 24.00
C PRO A 461 -18.22 -9.61 24.46
N PHE A 462 -19.39 -9.99 24.98
CA PHE A 462 -19.64 -11.36 25.42
C PHE A 462 -20.75 -11.93 24.54
N PRO A 463 -20.78 -13.26 24.35
CA PRO A 463 -21.83 -13.88 23.53
C PRO A 463 -23.20 -13.77 24.21
N ASN A 464 -24.27 -13.81 23.42
CA ASN A 464 -25.61 -13.72 23.97
C ASN A 464 -25.96 -15.03 24.70
N PHE A 465 -26.52 -14.90 25.89
CA PHE A 465 -26.89 -16.05 26.71
C PHE A 465 -28.40 -16.32 26.70
N GLU A 466 -28.77 -17.56 27.00
CA GLU A 466 -30.18 -17.96 27.04
C GLU A 466 -30.46 -18.72 28.35
N LEU A 467 -31.36 -18.20 29.17
CA LEU A 467 -31.66 -18.84 30.45
C LEU A 467 -33.13 -19.05 30.75
N ASN A 468 -33.52 -20.31 30.90
CA ASN A 468 -34.90 -20.68 31.21
C ASN A 468 -35.89 -20.27 30.12
N GLY A 469 -35.44 -20.37 28.86
CA GLY A 469 -36.30 -20.02 27.74
C GLY A 469 -36.26 -18.55 27.36
N HIS A 470 -35.64 -17.73 28.20
CA HIS A 470 -35.52 -16.30 27.93
C HIS A 470 -34.12 -15.99 27.38
N THR A 471 -34.05 -15.14 26.37
CA THR A 471 -32.76 -14.79 25.76
C THR A 471 -32.24 -13.44 26.25
N TYR A 472 -30.92 -13.35 26.44
CA TYR A 472 -30.29 -12.12 26.90
C TYR A 472 -29.15 -11.69 25.97
N LYS A 473 -29.10 -10.40 25.68
CA LYS A 473 -28.06 -9.84 24.82
C LYS A 473 -27.32 -8.73 25.57
N PRO A 474 -26.38 -9.12 26.44
CA PRO A 474 -25.59 -8.18 27.24
C PRO A 474 -24.92 -7.11 26.38
N GLY A 475 -24.82 -5.91 26.93
CA GLY A 475 -24.20 -4.81 26.20
C GLY A 475 -22.76 -4.56 26.59
N GLN A 476 -22.22 -3.47 26.05
CA GLN A 476 -20.84 -3.08 26.32
C GLN A 476 -20.79 -1.59 26.58
N GLY A 477 -20.04 -1.18 27.60
CA GLY A 477 -19.93 0.23 27.90
C GLY A 477 -18.87 0.89 27.05
N ASN A 478 -19.06 0.83 25.74
CA ASN A 478 -18.11 1.38 24.77
C ASN A 478 -18.14 2.91 24.69
N ASN A 479 -16.98 3.53 24.91
CA ASN A 479 -16.85 4.99 24.84
C ASN A 479 -17.39 5.55 23.53
N ALA A 480 -17.27 4.76 22.47
CA ALA A 480 -17.74 5.14 21.14
C ALA A 480 -19.19 5.63 21.13
N TYR A 481 -19.91 5.41 22.22
CA TYR A 481 -21.31 5.85 22.30
C TYR A 481 -21.38 7.33 22.63
N ILE A 482 -20.30 7.87 23.19
CA ILE A 482 -20.29 9.26 23.62
C ILE A 482 -19.41 10.25 22.85
N PHE A 483 -18.10 10.03 22.82
CA PHE A 483 -17.19 10.96 22.17
C PHE A 483 -17.56 11.38 20.73
N PRO A 484 -18.07 10.45 19.91
CA PRO A 484 -18.40 10.89 18.56
C PRO A 484 -19.39 12.05 18.58
N GLY A 485 -20.53 11.85 19.26
CA GLY A 485 -21.54 12.88 19.34
C GLY A 485 -21.03 14.14 20.03
N VAL A 486 -20.30 13.98 21.13
CA VAL A 486 -19.76 15.13 21.84
C VAL A 486 -18.81 15.91 20.94
N ALA A 487 -18.07 15.19 20.11
CA ALA A 487 -17.13 15.83 19.21
C ALA A 487 -17.86 16.60 18.12
N LEU A 488 -18.86 15.96 17.52
CA LEU A 488 -19.65 16.58 16.46
C LEU A 488 -20.27 17.90 16.93
N GLY A 489 -21.05 17.83 18.01
CA GLY A 489 -21.71 19.00 18.53
C GLY A 489 -20.75 20.08 18.93
N THR A 490 -19.63 19.70 19.51
CA THR A 490 -18.64 20.69 19.94
C THR A 490 -18.06 21.44 18.75
N ILE A 491 -17.91 20.73 17.63
CA ILE A 491 -17.36 21.30 16.41
C ILE A 491 -18.34 22.15 15.61
N LEU A 492 -19.50 21.60 15.30
CA LEU A 492 -20.48 22.33 14.51
C LEU A 492 -20.94 23.63 15.17
N PHE A 493 -21.09 23.63 16.48
CA PHE A 493 -21.55 24.83 17.16
C PHE A 493 -20.44 25.62 17.82
N GLN A 494 -19.21 25.15 17.67
CA GLN A 494 -18.07 25.87 18.23
C GLN A 494 -18.23 26.16 19.72
N ILE A 495 -18.48 25.10 20.49
CA ILE A 495 -18.63 25.22 21.93
C ILE A 495 -17.27 25.59 22.50
N ARG A 496 -17.20 26.64 23.29
CA ARG A 496 -15.94 27.10 23.85
C ARG A 496 -15.25 26.10 24.79
N HIS A 497 -16.06 25.41 25.58
CA HIS A 497 -15.52 24.44 26.55
C HIS A 497 -16.51 23.31 26.81
N VAL A 498 -15.98 22.10 26.92
CA VAL A 498 -16.81 20.92 27.19
C VAL A 498 -16.73 20.63 28.68
N ASP A 499 -17.87 20.75 29.35
CA ASP A 499 -17.93 20.50 30.79
C ASP A 499 -18.70 19.21 31.09
N ASN A 500 -18.69 18.82 32.36
CA ASN A 500 -19.38 17.61 32.78
C ASN A 500 -20.83 17.61 32.36
N ASP A 501 -21.49 18.75 32.53
CA ASP A 501 -22.88 18.88 32.17
C ASP A 501 -23.13 18.37 30.77
N LEU A 502 -22.26 18.77 29.83
CA LEU A 502 -22.40 18.33 28.45
C LEU A 502 -22.27 16.81 28.35
N PHE A 503 -21.29 16.24 29.05
CA PHE A 503 -21.12 14.79 29.03
C PHE A 503 -22.36 14.10 29.61
N LEU A 504 -22.93 14.71 30.66
CA LEU A 504 -24.12 14.19 31.30
C LEU A 504 -25.27 14.22 30.31
N LEU A 505 -25.41 15.35 29.61
CA LEU A 505 -26.45 15.52 28.61
C LEU A 505 -26.34 14.39 27.60
N ALA A 506 -25.09 14.08 27.23
CA ALA A 506 -24.82 13.03 26.25
C ALA A 506 -25.27 11.67 26.80
N ALA A 507 -24.87 11.37 28.03
CA ALA A 507 -25.24 10.10 28.65
C ALA A 507 -26.75 9.96 28.65
N LYS A 508 -27.45 10.99 29.15
CA LYS A 508 -28.91 10.97 29.19
C LYS A 508 -29.47 10.73 27.78
N LYS A 509 -28.79 11.26 26.76
CA LYS A 509 -29.25 11.08 25.39
C LYS A 509 -29.08 9.64 24.96
N VAL A 510 -27.90 9.08 25.22
CA VAL A 510 -27.64 7.70 24.86
C VAL A 510 -28.71 6.82 25.51
N ALA A 511 -28.92 7.00 26.81
CA ALA A 511 -29.91 6.21 27.54
C ALA A 511 -31.30 6.32 26.89
N SER A 512 -31.70 7.54 26.56
CA SER A 512 -33.00 7.78 25.94
C SER A 512 -33.19 7.02 24.63
N CYS A 513 -32.10 6.58 24.02
CA CYS A 513 -32.21 5.88 22.74
C CYS A 513 -32.33 4.36 22.86
N VAL A 514 -32.29 3.85 24.10
CA VAL A 514 -32.42 2.41 24.30
C VAL A 514 -33.90 2.05 24.06
N THR A 515 -34.15 1.20 23.08
CA THR A 515 -35.52 0.81 22.76
C THR A 515 -36.12 -0.07 23.84
N GLU A 516 -37.43 -0.26 23.79
CA GLU A 516 -38.11 -1.10 24.77
C GLU A 516 -37.80 -2.56 24.49
N ASP A 517 -37.51 -2.87 23.23
CA ASP A 517 -37.18 -4.23 22.85
C ASP A 517 -35.78 -4.55 23.38
N SER A 518 -34.83 -3.65 23.14
CA SER A 518 -33.47 -3.85 23.60
C SER A 518 -33.46 -3.97 25.13
N LEU A 519 -34.46 -3.39 25.77
CA LEU A 519 -34.53 -3.44 27.22
C LEU A 519 -35.14 -4.75 27.71
N LYS A 520 -35.90 -5.41 26.84
CA LYS A 520 -36.53 -6.67 27.19
C LYS A 520 -35.59 -7.85 26.91
N VAL A 521 -34.33 -7.53 26.63
CA VAL A 521 -33.33 -8.54 26.35
C VAL A 521 -32.09 -8.28 27.19
N GLY A 522 -32.24 -7.42 28.20
CA GLY A 522 -31.14 -7.10 29.08
C GLY A 522 -30.11 -6.12 28.51
N ARG A 523 -30.47 -5.44 27.43
CA ARG A 523 -29.54 -4.50 26.83
C ARG A 523 -29.76 -3.09 27.40
N VAL A 524 -28.74 -2.56 28.05
CA VAL A 524 -28.80 -1.23 28.63
C VAL A 524 -28.04 -0.22 27.76
N TYR A 525 -27.70 -0.65 26.55
CA TYR A 525 -27.00 0.20 25.60
C TYR A 525 -27.62 0.00 24.22
N PRO A 526 -27.79 1.08 23.45
CA PRO A 526 -28.38 0.95 22.12
C PRO A 526 -27.44 0.16 21.21
N GLN A 527 -27.91 -0.18 20.01
CA GLN A 527 -27.10 -0.92 19.06
C GLN A 527 -26.00 -0.04 18.45
N LEU A 528 -24.82 -0.62 18.26
CA LEU A 528 -23.70 0.12 17.68
C LEU A 528 -24.04 0.78 16.35
N LYS A 529 -24.90 0.14 15.56
CA LYS A 529 -25.26 0.70 14.26
C LYS A 529 -26.08 1.99 14.37
N GLU A 530 -26.53 2.31 15.57
CA GLU A 530 -27.34 3.51 15.77
C GLU A 530 -26.55 4.70 16.30
N ILE A 531 -25.23 4.56 16.39
CA ILE A 531 -24.39 5.63 16.91
C ILE A 531 -24.36 6.90 16.04
N ARG A 532 -24.53 6.76 14.72
CA ARG A 532 -24.53 7.94 13.86
C ARG A 532 -25.74 8.81 14.16
N GLU A 533 -26.92 8.18 14.25
CA GLU A 533 -28.15 8.90 14.55
C GLU A 533 -28.09 9.46 15.97
N ILE A 534 -27.52 8.69 16.88
CA ILE A 534 -27.39 9.13 18.25
C ILE A 534 -26.51 10.38 18.31
N SER A 535 -25.39 10.32 17.60
CA SER A 535 -24.43 11.43 17.55
C SER A 535 -25.10 12.72 17.09
N ILE A 536 -25.95 12.61 16.07
CA ILE A 536 -26.66 13.76 15.56
C ILE A 536 -27.57 14.30 16.67
N GLN A 537 -28.29 13.39 17.32
CA GLN A 537 -29.19 13.79 18.40
C GLN A 537 -28.44 14.50 19.53
N ILE A 538 -27.27 13.98 19.86
CA ILE A 538 -26.48 14.58 20.92
C ILE A 538 -26.02 15.99 20.51
N ALA A 539 -25.63 16.13 19.24
CA ALA A 539 -25.16 17.42 18.73
C ALA A 539 -26.26 18.47 18.85
N VAL A 540 -27.47 18.11 18.44
CA VAL A 540 -28.59 19.03 18.53
C VAL A 540 -28.87 19.39 20.00
N GLU A 541 -28.88 18.38 20.87
CA GLU A 541 -29.14 18.61 22.28
C GLU A 541 -28.08 19.53 22.88
N MET A 542 -26.82 19.33 22.50
CA MET A 542 -25.73 20.16 23.00
C MET A 542 -25.90 21.61 22.52
N ALA A 543 -26.53 21.76 21.36
CA ALA A 543 -26.75 23.09 20.79
C ALA A 543 -27.76 23.86 21.64
N LYS A 544 -28.95 23.29 21.80
CA LYS A 544 -30.00 23.91 22.60
C LYS A 544 -29.44 24.39 23.94
N TYR A 545 -28.83 23.44 24.64
CA TYR A 545 -28.24 23.71 25.95
C TYR A 545 -27.18 24.81 25.93
N CYS A 546 -26.35 24.84 24.90
CA CYS A 546 -25.29 25.84 24.81
C CYS A 546 -25.74 27.22 24.36
N TYR A 547 -26.74 27.28 23.49
CA TYR A 547 -27.24 28.59 23.05
C TYR A 547 -28.01 29.21 24.21
N LYS A 548 -28.50 28.36 25.12
CA LYS A 548 -29.23 28.82 26.30
C LYS A 548 -28.29 29.47 27.31
N ASN A 549 -27.10 28.89 27.51
CA ASN A 549 -26.16 29.49 28.47
C ASN A 549 -25.02 30.27 27.81
N GLY A 550 -25.22 30.60 26.53
CA GLY A 550 -24.24 31.36 25.77
C GLY A 550 -22.81 30.86 25.64
N THR A 551 -22.62 29.56 25.43
CA THR A 551 -21.27 29.03 25.28
C THR A 551 -20.99 28.57 23.85
N ALA A 552 -22.03 28.53 23.03
CA ALA A 552 -21.90 28.14 21.63
C ALA A 552 -21.47 29.36 20.79
N ASN A 553 -20.28 29.28 20.19
CA ASN A 553 -19.79 30.40 19.38
C ASN A 553 -20.32 30.54 17.97
N LEU A 554 -20.91 29.49 17.39
CA LEU A 554 -21.45 29.62 16.04
C LEU A 554 -22.53 30.69 16.08
N TYR A 555 -22.33 31.76 15.33
CA TYR A 555 -23.30 32.84 15.29
C TYR A 555 -23.83 33.01 13.87
N PRO A 556 -25.15 33.09 13.69
CA PRO A 556 -26.16 33.02 14.76
C PRO A 556 -26.63 31.58 14.90
N GLN A 557 -27.50 31.35 15.88
CA GLN A 557 -28.04 30.01 16.09
C GLN A 557 -28.86 29.64 14.86
N PRO A 558 -28.55 28.50 14.23
CA PRO A 558 -29.32 28.12 13.04
C PRO A 558 -30.81 27.98 13.32
N GLU A 559 -31.61 28.33 12.32
CA GLU A 559 -33.06 28.27 12.41
C GLU A 559 -33.51 26.90 12.86
N ASP A 560 -33.18 25.89 12.07
CA ASP A 560 -33.54 24.50 12.35
C ASP A 560 -32.29 23.69 12.66
N LEU A 561 -32.02 23.48 13.96
CA LEU A 561 -30.85 22.73 14.41
C LEU A 561 -30.63 21.34 13.78
N GLU A 562 -31.64 20.49 13.87
CA GLU A 562 -31.50 19.15 13.32
C GLU A 562 -31.19 19.13 11.82
N LYS A 563 -31.83 20.01 11.05
CA LYS A 563 -31.59 20.06 9.62
C LYS A 563 -30.18 20.55 9.28
N TYR A 564 -29.71 21.53 10.05
CA TYR A 564 -28.37 22.09 9.87
C TYR A 564 -27.32 21.01 10.16
N VAL A 565 -27.53 20.21 11.21
CA VAL A 565 -26.59 19.15 11.56
C VAL A 565 -26.56 18.01 10.53
N ARG A 566 -27.74 17.59 10.06
CA ARG A 566 -27.80 16.52 9.08
C ARG A 566 -27.13 16.95 7.76
N ALA A 567 -27.11 18.24 7.49
CA ALA A 567 -26.48 18.75 6.28
C ALA A 567 -24.97 18.88 6.46
N GLN A 568 -24.50 18.81 7.70
CA GLN A 568 -23.07 18.94 7.95
C GLN A 568 -22.33 17.61 8.05
N VAL A 569 -23.01 16.55 8.46
CA VAL A 569 -22.37 15.26 8.63
C VAL A 569 -21.83 14.64 7.34
N TYR A 570 -20.82 13.80 7.51
CA TYR A 570 -20.17 13.12 6.41
C TYR A 570 -21.14 12.22 5.65
N ASN A 571 -20.92 12.10 4.35
CA ASN A 571 -21.76 11.27 3.49
C ASN A 571 -20.83 10.32 2.73
N THR A 572 -21.01 9.01 2.97
CA THR A 572 -20.18 7.99 2.37
C THR A 572 -20.42 7.80 0.88
N GLU A 573 -21.49 8.39 0.35
CA GLU A 573 -21.80 8.26 -1.07
C GLU A 573 -20.81 9.02 -1.94
N TYR A 574 -20.55 8.49 -3.12
CA TYR A 574 -19.64 9.14 -4.06
C TYR A 574 -20.27 10.44 -4.54
N GLU A 575 -19.49 11.50 -4.61
CA GLU A 575 -20.02 12.78 -5.08
C GLU A 575 -19.44 13.11 -6.45
N GLU A 576 -20.08 14.05 -7.15
CA GLU A 576 -19.64 14.49 -8.46
C GLU A 576 -18.40 15.34 -8.30
N LEU A 577 -17.41 15.17 -9.17
CA LEU A 577 -16.19 15.95 -9.08
C LEU A 577 -16.05 16.93 -10.25
N ILE A 578 -16.99 16.89 -11.18
CA ILE A 578 -16.96 17.76 -12.36
C ILE A 578 -17.95 18.91 -12.16
N ASN A 579 -17.47 20.15 -12.36
CA ASN A 579 -18.33 21.32 -12.19
C ASN A 579 -19.70 21.14 -12.83
N ALA A 580 -20.73 21.69 -12.20
CA ALA A 580 -22.07 21.61 -12.77
C ALA A 580 -22.16 22.83 -13.69
N THR A 581 -22.76 22.65 -14.86
CA THR A 581 -22.89 23.74 -15.81
C THR A 581 -24.33 24.23 -15.84
N TYR A 582 -24.52 25.46 -16.29
CA TYR A 582 -25.88 26.01 -16.35
C TYR A 582 -26.00 27.13 -17.37
N ASP A 583 -27.14 27.15 -18.05
CA ASP A 583 -27.41 28.14 -19.06
C ASP A 583 -27.70 29.52 -18.50
N TRP A 584 -27.46 30.50 -19.35
CA TRP A 584 -27.73 31.88 -19.04
C TRP A 584 -28.78 32.22 -20.09
N PRO A 585 -29.46 33.38 -19.97
CA PRO A 585 -30.45 33.67 -21.02
C PRO A 585 -29.74 33.66 -22.37
N GLU A 586 -30.26 32.86 -23.31
CA GLU A 586 -29.68 32.71 -24.64
C GLU A 586 -29.02 33.95 -25.21
N GLN A 587 -29.70 35.08 -25.11
CA GLN A 587 -29.19 36.32 -25.65
C GLN A 587 -27.88 36.76 -24.98
N ASP A 588 -27.76 36.51 -23.69
CA ASP A 588 -26.58 36.90 -22.94
C ASP A 588 -25.40 35.92 -23.07
N MET A 589 -25.65 34.75 -23.63
CA MET A 589 -24.62 33.72 -23.83
C MET A 589 -23.96 33.79 -25.19
N ARG A 590 -24.41 34.72 -26.03
CA ARG A 590 -23.88 34.88 -27.38
C ARG A 590 -22.45 35.38 -27.46
N HIS A 591 -21.69 34.83 -28.41
CA HIS A 591 -20.30 35.25 -28.62
C HIS A 591 -20.30 36.22 -29.79
N GLY A 592 -19.69 37.40 -29.62
CA GLY A 592 -19.64 38.34 -30.72
C GLY A 592 -20.02 39.76 -30.35
N PHE A 593 -19.71 40.70 -31.23
CA PHE A 593 -20.06 42.10 -30.98
C PHE A 593 -21.55 42.23 -30.73
N PRO A 594 -21.94 42.91 -29.65
CA PRO A 594 -23.36 43.08 -29.35
C PRO A 594 -23.95 44.10 -30.33
N VAL A 595 -23.09 45.02 -30.76
CA VAL A 595 -23.46 46.07 -31.70
C VAL A 595 -22.48 46.01 -32.87
N PRO A 596 -22.99 45.86 -34.10
CA PRO A 596 -22.12 45.79 -35.28
C PRO A 596 -21.18 46.96 -35.50
N VAL A 597 -19.99 46.62 -35.99
CA VAL A 597 -18.95 47.59 -36.29
C VAL A 597 -18.52 47.20 -37.70
N VAL A 598 -17.78 48.07 -38.36
CA VAL A 598 -17.27 47.79 -39.70
C VAL A 598 -15.86 47.21 -39.50
N ARG A 599 -15.58 46.09 -40.15
CA ARG A 599 -14.26 45.45 -40.01
C ARG A 599 -13.11 46.36 -40.48
N HIS A 600 -11.97 46.25 -39.81
CA HIS A 600 -10.79 47.05 -40.15
C HIS A 600 -10.26 46.58 -41.50
N SER B 2 27.17 27.95 0.37
CA SER B 2 27.31 27.94 -1.11
C SER B 2 28.76 27.83 -1.55
N VAL B 3 28.95 27.52 -2.82
CA VAL B 3 30.26 27.35 -3.41
C VAL B 3 30.91 28.71 -3.71
N ALA B 4 32.24 28.74 -3.77
CA ALA B 4 32.97 29.98 -4.05
C ALA B 4 32.76 30.41 -5.49
N HIS B 5 32.96 31.70 -5.77
CA HIS B 5 32.77 32.21 -7.13
C HIS B 5 33.70 31.61 -8.16
N HIS B 6 34.80 30.99 -7.70
CA HIS B 6 35.76 30.36 -8.60
C HIS B 6 35.57 28.83 -8.66
N GLU B 7 34.51 28.33 -8.04
CA GLU B 7 34.23 26.90 -8.05
C GLU B 7 32.93 26.60 -8.79
N ASP B 8 32.86 25.41 -9.38
CA ASP B 8 31.66 24.96 -10.08
C ASP B 8 30.76 24.34 -9.01
N VAL B 9 29.47 24.17 -9.32
CA VAL B 9 28.57 23.56 -8.36
C VAL B 9 28.86 22.04 -8.25
N TYR B 10 28.45 21.44 -7.13
CA TYR B 10 28.68 20.02 -6.85
C TYR B 10 29.85 19.36 -7.56
N SER B 11 31.06 19.86 -7.28
CA SER B 11 32.29 19.35 -7.87
C SER B 11 33.37 19.15 -6.79
N HIS B 12 32.97 18.88 -5.55
CA HIS B 12 33.94 18.67 -4.49
C HIS B 12 34.40 17.23 -4.36
N ASN B 13 35.66 17.05 -4.00
CA ASN B 13 36.25 15.73 -3.82
C ASN B 13 36.22 14.89 -5.10
N LEU B 14 36.68 15.49 -6.20
CA LEU B 14 36.72 14.79 -7.48
C LEU B 14 38.13 14.25 -7.72
N PRO B 15 38.22 13.11 -8.43
CA PRO B 15 39.50 12.46 -8.74
C PRO B 15 40.40 13.36 -9.59
N PRO B 16 41.72 13.14 -9.52
CA PRO B 16 42.62 13.97 -10.32
C PRO B 16 42.27 13.81 -11.80
N MET B 17 42.07 14.94 -12.48
CA MET B 17 41.73 14.89 -13.89
C MET B 17 42.49 15.96 -14.66
N ASP B 18 42.82 15.64 -15.91
CA ASP B 18 43.52 16.57 -16.78
C ASP B 18 42.49 17.46 -17.46
N GLU B 19 42.88 18.71 -17.73
CA GLU B 19 42.03 19.70 -18.37
C GLU B 19 40.94 19.10 -19.26
N LYS B 20 41.37 18.29 -20.23
CA LYS B 20 40.48 17.63 -21.17
C LYS B 20 39.58 16.58 -20.50
N GLU B 21 40.13 15.86 -19.53
CA GLU B 21 39.39 14.85 -18.81
C GLU B 21 38.29 15.46 -17.97
N MET B 22 38.56 16.64 -17.43
CA MET B 22 37.60 17.35 -16.61
C MET B 22 36.48 17.81 -17.53
N ALA B 23 36.83 18.33 -18.69
CA ALA B 23 35.82 18.81 -19.62
C ALA B 23 34.82 17.72 -20.02
N LEU B 24 35.35 16.57 -20.43
CA LEU B 24 34.51 15.45 -20.85
C LEU B 24 33.68 14.91 -19.69
N TYR B 25 34.18 15.09 -18.48
CA TYR B 25 33.46 14.62 -17.30
C TYR B 25 32.28 15.56 -17.01
N LYS B 26 32.48 16.85 -17.20
CA LYS B 26 31.42 17.83 -16.96
C LYS B 26 30.35 17.76 -18.04
N LEU B 27 30.76 17.41 -19.27
CA LEU B 27 29.83 17.32 -20.37
C LEU B 27 28.91 16.11 -20.25
N TYR B 28 29.43 15.01 -19.72
CA TYR B 28 28.68 13.76 -19.57
C TYR B 28 27.92 13.58 -18.26
N ARG B 29 28.42 14.16 -17.18
CA ARG B 29 27.80 13.94 -15.88
C ARG B 29 26.35 14.33 -15.67
N PRO B 30 25.63 13.55 -14.85
CA PRO B 30 24.22 13.82 -14.56
C PRO B 30 24.15 15.11 -13.77
N GLU B 31 23.19 15.95 -14.10
CA GLU B 31 23.02 17.21 -13.41
C GLU B 31 21.92 17.05 -12.37
N ARG B 32 21.94 17.90 -11.35
CA ARG B 32 20.92 17.83 -10.31
C ARG B 32 19.57 18.30 -10.85
N VAL B 33 18.51 17.70 -10.34
CA VAL B 33 17.13 18.04 -10.74
C VAL B 33 16.32 18.27 -9.48
N THR B 34 15.91 19.51 -9.27
CA THR B 34 15.11 19.88 -8.10
C THR B 34 13.63 19.68 -8.38
N PRO B 35 12.91 18.95 -7.51
CA PRO B 35 11.48 18.69 -7.68
C PRO B 35 10.64 19.93 -7.36
N LYS B 36 9.35 19.86 -7.65
CA LYS B 36 8.45 20.99 -7.39
C LYS B 36 7.50 20.69 -6.23
N LYS B 37 7.37 19.42 -5.89
CA LYS B 37 6.48 19.01 -4.80
C LYS B 37 7.14 19.15 -3.44
N ARG B 38 6.29 19.32 -2.43
CA ARG B 38 6.72 19.46 -1.04
C ARG B 38 5.80 18.66 -0.13
N SER B 39 6.18 18.54 1.14
CA SER B 39 5.38 17.82 2.11
C SER B 39 4.90 16.46 1.64
N ALA B 40 3.68 16.10 2.03
CA ALA B 40 3.11 14.82 1.67
C ALA B 40 3.16 14.51 0.19
N GLU B 41 3.01 15.52 -0.66
CA GLU B 41 3.05 15.27 -2.10
C GLU B 41 4.43 14.74 -2.51
N LEU B 42 5.50 15.25 -1.90
CA LEU B 42 6.84 14.78 -2.25
C LEU B 42 7.03 13.36 -1.68
N LEU B 43 6.62 13.16 -0.43
CA LEU B 43 6.76 11.86 0.20
C LEU B 43 6.01 10.79 -0.59
N LYS B 44 4.98 11.18 -1.32
CA LYS B 44 4.19 10.25 -2.11
C LYS B 44 4.72 9.98 -3.51
N GLU B 45 5.89 10.54 -3.84
CA GLU B 45 6.49 10.32 -5.14
C GLU B 45 7.67 9.36 -4.97
N PRO B 46 7.48 8.08 -5.36
CA PRO B 46 8.52 7.05 -5.24
C PRO B 46 9.91 7.49 -5.70
N ARG B 47 9.97 8.28 -6.76
CA ARG B 47 11.25 8.74 -7.30
C ARG B 47 11.91 9.80 -6.47
N LEU B 48 11.18 10.41 -5.55
CA LEU B 48 11.78 11.46 -4.74
C LEU B 48 11.88 11.04 -3.28
N ASN B 49 10.98 10.18 -2.85
CA ASN B 49 10.94 9.78 -1.46
C ASN B 49 12.11 8.93 -0.98
N LYS B 50 12.71 9.37 0.11
CA LYS B 50 13.83 8.65 0.72
C LYS B 50 13.28 8.11 2.03
N GLY B 51 12.05 8.48 2.38
CA GLY B 51 11.46 8.03 3.62
C GLY B 51 12.28 8.58 4.78
N MET B 52 12.56 7.76 5.78
CA MET B 52 13.35 8.22 6.91
C MET B 52 14.81 8.49 6.57
N GLY B 53 15.19 8.21 5.32
CA GLY B 53 16.55 8.50 4.90
C GLY B 53 16.77 10.01 4.75
N PHE B 54 15.67 10.79 4.73
CA PHE B 54 15.76 12.26 4.63
C PHE B 54 16.34 12.79 5.93
N SER B 55 17.37 13.63 5.83
CA SER B 55 17.97 14.22 7.02
C SER B 55 17.03 15.26 7.62
N LEU B 56 17.34 15.72 8.83
CA LEU B 56 16.49 16.71 9.49
C LEU B 56 16.38 18.03 8.70
N TYR B 57 17.47 18.49 8.12
CA TYR B 57 17.49 19.72 7.36
C TYR B 57 16.63 19.58 6.11
N GLU B 58 16.84 18.50 5.38
CA GLU B 58 16.06 18.24 4.16
C GLU B 58 14.59 18.30 4.54
N ARG B 59 14.21 17.65 5.65
CA ARG B 59 12.81 17.63 6.09
C ARG B 59 12.25 19.01 6.39
N GLN B 60 13.07 19.88 6.99
CA GLN B 60 12.62 21.22 7.33
C GLN B 60 12.54 22.05 6.06
N TYR B 61 13.54 21.92 5.19
CA TYR B 61 13.57 22.65 3.93
C TYR B 61 12.40 22.27 3.02
N LEU B 62 12.21 20.98 2.78
CA LEU B 62 11.15 20.51 1.89
C LEU B 62 9.76 20.42 2.52
N GLY B 63 9.61 20.89 3.75
CA GLY B 63 8.32 20.84 4.42
C GLY B 63 7.85 19.43 4.74
N LEU B 64 8.78 18.55 5.07
CA LEU B 64 8.45 17.17 5.40
C LEU B 64 8.46 16.92 6.91
N HIS B 65 9.18 17.76 7.65
CA HIS B 65 9.31 17.57 9.10
C HIS B 65 7.98 17.36 9.82
N GLY B 66 7.92 16.30 10.62
CA GLY B 66 6.71 16.00 11.35
C GLY B 66 5.83 14.99 10.64
N LEU B 67 6.10 14.78 9.35
CA LEU B 67 5.35 13.82 8.55
C LEU B 67 5.98 12.43 8.61
N LEU B 68 7.22 12.37 9.08
CA LEU B 68 7.94 11.11 9.23
C LEU B 68 8.29 10.94 10.72
N PRO B 69 8.55 9.69 11.17
CA PRO B 69 8.91 9.45 12.58
C PRO B 69 10.26 10.13 12.85
N PRO B 70 10.58 10.40 14.13
CA PRO B 70 11.84 11.05 14.50
C PRO B 70 13.15 10.27 14.46
N ALA B 71 13.31 9.38 13.49
CA ALA B 71 14.57 8.63 13.39
C ALA B 71 15.14 8.98 12.03
N PHE B 72 16.45 8.92 11.89
CA PHE B 72 17.10 9.24 10.64
C PHE B 72 17.93 8.04 10.23
N MET B 73 17.72 7.57 9.01
CA MET B 73 18.41 6.38 8.51
C MET B 73 19.34 6.57 7.32
N THR B 74 20.26 5.62 7.14
CA THR B 74 21.17 5.63 6.00
C THR B 74 20.45 4.73 5.00
N GLN B 75 20.81 4.77 3.72
CA GLN B 75 20.14 3.90 2.76
C GLN B 75 20.43 2.44 3.08
N GLU B 76 21.64 2.19 3.58
CA GLU B 76 22.08 0.86 3.94
C GLU B 76 21.21 0.32 5.06
N GLN B 77 20.96 1.17 6.06
CA GLN B 77 20.13 0.78 7.19
C GLN B 77 18.70 0.49 6.78
N GLN B 78 18.23 1.15 5.73
CA GLN B 78 16.87 0.95 5.22
C GLN B 78 16.81 -0.33 4.42
N ALA B 79 17.86 -0.61 3.67
CA ALA B 79 17.93 -1.83 2.88
C ALA B 79 17.89 -3.01 3.86
N TYR B 80 18.64 -2.87 4.96
CA TYR B 80 18.70 -3.90 5.98
C TYR B 80 17.30 -4.20 6.48
N ARG B 81 16.56 -3.15 6.83
CA ARG B 81 15.19 -3.33 7.33
C ARG B 81 14.33 -3.99 6.27
N VAL B 82 14.55 -3.65 5.01
CA VAL B 82 13.75 -4.26 3.95
C VAL B 82 14.08 -5.75 3.82
N ILE B 83 15.37 -6.08 3.72
CA ILE B 83 15.74 -7.48 3.59
C ILE B 83 15.28 -8.33 4.78
N THR B 84 15.30 -7.77 5.99
CA THR B 84 14.87 -8.52 7.15
C THR B 84 13.41 -8.94 7.05
N LYS B 85 12.57 -7.98 6.74
CA LYS B 85 11.14 -8.19 6.59
C LYS B 85 10.85 -9.16 5.45
N LEU B 86 11.66 -9.07 4.40
CA LEU B 86 11.52 -9.91 3.22
C LEU B 86 11.75 -11.40 3.56
N ARG B 87 12.84 -11.69 4.26
CA ARG B 87 13.17 -13.06 4.64
C ARG B 87 12.20 -13.60 5.70
N GLU B 88 11.47 -12.71 6.36
CA GLU B 88 10.52 -13.15 7.38
C GLU B 88 9.15 -13.44 6.78
N GLN B 89 8.98 -13.17 5.48
CA GLN B 89 7.71 -13.42 4.82
C GLN B 89 7.45 -14.93 4.71
N PRO B 90 6.18 -15.33 4.83
CA PRO B 90 5.75 -16.74 4.75
C PRO B 90 6.13 -17.44 3.46
N ASN B 91 6.02 -16.74 2.35
CA ASN B 91 6.32 -17.32 1.04
C ASN B 91 6.78 -16.27 0.04
N ASP B 92 7.10 -16.70 -1.18
CA ASP B 92 7.55 -15.79 -2.24
C ASP B 92 6.48 -14.80 -2.67
N LEU B 93 5.24 -15.28 -2.79
CA LEU B 93 4.15 -14.42 -3.18
C LEU B 93 4.11 -13.23 -2.23
N ALA B 94 4.28 -13.50 -0.94
CA ALA B 94 4.27 -12.44 0.05
C ALA B 94 5.50 -11.56 -0.11
N ARG B 95 6.57 -12.13 -0.67
CA ARG B 95 7.78 -11.35 -0.89
C ARG B 95 7.53 -10.49 -2.13
N TYR B 96 6.72 -10.99 -3.07
CA TYR B 96 6.40 -10.25 -4.27
C TYR B 96 5.62 -8.99 -3.90
N ILE B 97 4.57 -9.16 -3.10
CA ILE B 97 3.74 -8.07 -2.65
C ILE B 97 4.52 -7.01 -1.88
N GLN B 98 5.47 -7.43 -1.06
CA GLN B 98 6.24 -6.45 -0.30
C GLN B 98 7.17 -5.64 -1.20
N LEU B 99 7.69 -6.28 -2.24
CA LEU B 99 8.60 -5.63 -3.18
C LEU B 99 7.83 -4.63 -4.08
N ASP B 100 6.61 -5.01 -4.46
CA ASP B 100 5.78 -4.17 -5.31
C ASP B 100 5.42 -2.91 -4.53
N GLY B 101 5.17 -3.07 -3.24
CA GLY B 101 4.85 -1.93 -2.40
C GLY B 101 6.06 -1.03 -2.25
N LEU B 102 7.24 -1.63 -2.15
CA LEU B 102 8.47 -0.88 -2.01
C LEU B 102 8.77 -0.07 -3.26
N GLN B 103 8.55 -0.67 -4.43
CA GLN B 103 8.79 0.04 -5.67
C GLN B 103 7.90 1.29 -5.71
N ASP B 104 6.69 1.19 -5.15
CA ASP B 104 5.75 2.30 -5.12
C ASP B 104 5.96 3.24 -3.95
N ARG B 105 6.92 2.95 -3.08
CA ARG B 105 7.16 3.78 -1.92
C ARG B 105 8.47 4.56 -1.98
N ASN B 106 9.53 3.89 -2.36
CA ASN B 106 10.86 4.49 -2.40
C ASN B 106 11.63 3.80 -3.52
N GLU B 107 11.57 4.37 -4.71
CA GLU B 107 12.21 3.76 -5.87
C GLU B 107 13.70 3.47 -5.76
N LYS B 108 14.46 4.43 -5.23
CA LYS B 108 15.88 4.25 -5.10
C LYS B 108 16.21 3.06 -4.20
N LEU B 109 15.48 2.95 -3.10
CA LEU B 109 15.68 1.86 -2.13
C LEU B 109 15.29 0.52 -2.75
N PHE B 110 14.19 0.53 -3.53
CA PHE B 110 13.72 -0.67 -4.20
C PHE B 110 14.84 -1.26 -5.06
N TYR B 111 15.47 -0.43 -5.86
CA TYR B 111 16.56 -0.93 -6.70
C TYR B 111 17.85 -1.22 -5.94
N ARG B 112 18.08 -0.52 -4.84
CA ARG B 112 19.27 -0.77 -4.03
C ARG B 112 19.17 -2.20 -3.49
N VAL B 113 17.96 -2.56 -3.06
CA VAL B 113 17.70 -3.87 -2.51
C VAL B 113 17.72 -4.96 -3.58
N VAL B 114 17.00 -4.78 -4.68
CA VAL B 114 17.01 -5.79 -5.72
C VAL B 114 18.39 -5.99 -6.30
N CYS B 115 19.11 -4.90 -6.56
CA CYS B 115 20.45 -5.00 -7.12
C CYS B 115 21.48 -5.65 -6.19
N ASP B 116 21.31 -5.50 -4.89
CA ASP B 116 22.25 -6.09 -3.93
C ASP B 116 22.06 -7.59 -3.74
N HIS B 117 20.81 -8.04 -3.87
CA HIS B 117 20.44 -9.46 -3.70
C HIS B 117 19.78 -9.95 -4.97
N VAL B 118 20.47 -9.78 -6.09
CA VAL B 118 19.91 -10.14 -7.38
C VAL B 118 19.46 -11.60 -7.56
N LYS B 119 20.35 -12.54 -7.26
CA LYS B 119 20.07 -13.97 -7.38
C LYS B 119 18.88 -14.41 -6.52
N GLU B 120 18.73 -13.76 -5.36
CA GLU B 120 17.65 -14.07 -4.44
C GLU B 120 16.30 -13.42 -4.82
N LEU B 121 16.37 -12.18 -5.32
CA LEU B 121 15.14 -11.46 -5.63
C LEU B 121 14.69 -11.44 -7.09
N MET B 122 15.59 -11.67 -8.03
CA MET B 122 15.18 -11.66 -9.43
C MET B 122 13.98 -12.57 -9.67
N PRO B 123 13.98 -13.80 -9.11
CA PRO B 123 12.82 -14.68 -9.35
C PRO B 123 11.58 -14.26 -8.59
N ILE B 124 11.72 -13.27 -7.71
CA ILE B 124 10.59 -12.75 -6.97
C ILE B 124 10.01 -11.60 -7.79
N VAL B 125 10.86 -10.67 -8.20
CA VAL B 125 10.39 -9.53 -9.00
C VAL B 125 9.81 -9.96 -10.34
N TYR B 126 10.42 -10.94 -10.99
CA TYR B 126 9.91 -11.40 -12.27
C TYR B 126 9.90 -12.91 -12.35
N THR B 127 10.78 -13.40 -13.21
CA THR B 127 11.04 -14.82 -13.47
C THR B 127 9.84 -15.74 -13.22
N PRO B 128 9.74 -16.41 -12.05
CA PRO B 128 8.54 -17.26 -11.93
C PRO B 128 7.43 -16.75 -10.99
N THR B 129 7.81 -16.05 -9.93
CA THR B 129 6.80 -15.54 -9.00
C THR B 129 5.81 -14.51 -9.56
N VAL B 130 6.25 -13.62 -10.44
CA VAL B 130 5.34 -12.60 -10.98
C VAL B 130 4.09 -13.20 -11.64
N GLY B 131 4.28 -14.26 -12.41
CA GLY B 131 3.15 -14.90 -13.06
C GLY B 131 2.20 -15.55 -12.06
N LEU B 132 2.76 -16.10 -10.99
CA LEU B 132 1.93 -16.72 -9.97
C LEU B 132 1.11 -15.66 -9.25
N ALA B 133 1.74 -14.51 -8.98
CA ALA B 133 1.02 -13.42 -8.31
C ALA B 133 -0.17 -12.95 -9.14
N CYS B 134 0.00 -12.84 -10.46
CA CYS B 134 -1.09 -12.39 -11.31
C CYS B 134 -2.25 -13.37 -11.29
N GLN B 135 -1.93 -14.65 -11.31
CA GLN B 135 -2.94 -15.70 -11.30
C GLN B 135 -3.67 -15.86 -9.99
N ASN B 136 -2.93 -15.83 -8.88
CA ASN B 136 -3.51 -16.05 -7.57
C ASN B 136 -4.21 -14.87 -6.89
N PHE B 137 -3.61 -13.69 -6.96
CA PHE B 137 -4.18 -12.52 -6.33
C PHE B 137 -5.32 -11.84 -7.08
N GLY B 138 -5.31 -11.97 -8.41
CA GLY B 138 -6.34 -11.30 -9.18
C GLY B 138 -5.97 -9.84 -9.23
N TYR B 139 -6.89 -8.95 -8.89
CA TYR B 139 -6.56 -7.52 -8.90
C TYR B 139 -5.73 -7.18 -7.67
N ILE B 140 -4.56 -6.60 -7.89
CA ILE B 140 -3.69 -6.23 -6.80
C ILE B 140 -3.69 -4.73 -6.56
N TYR B 141 -3.80 -4.34 -5.29
CA TYR B 141 -3.82 -2.93 -4.91
C TYR B 141 -2.44 -2.30 -5.07
N ARG B 142 -2.34 -1.26 -5.88
CA ARG B 142 -1.07 -0.56 -6.08
C ARG B 142 -1.26 0.79 -6.73
N LYS B 143 -0.20 1.58 -6.73
CA LYS B 143 -0.23 2.90 -7.35
C LYS B 143 -0.34 2.66 -8.86
N PRO B 144 -0.81 3.66 -9.62
CA PRO B 144 -0.93 3.47 -11.08
C PRO B 144 0.47 3.35 -11.69
N LYS B 145 0.90 2.13 -12.00
CA LYS B 145 2.23 1.92 -12.54
C LYS B 145 2.22 1.31 -13.93
N GLY B 146 1.07 1.36 -14.58
CA GLY B 146 0.97 0.81 -15.92
C GLY B 146 -0.24 1.41 -16.62
N LEU B 147 -0.42 1.08 -17.88
CA LEU B 147 -1.55 1.59 -18.64
C LEU B 147 -2.33 0.48 -19.31
N TYR B 148 -3.65 0.55 -19.23
CA TYR B 148 -4.50 -0.40 -19.89
C TYR B 148 -5.04 0.26 -21.14
N ILE B 149 -4.85 -0.38 -22.28
CA ILE B 149 -5.34 0.11 -23.55
C ILE B 149 -6.18 -1.03 -24.11
N THR B 150 -7.46 -0.78 -24.39
CA THR B 150 -8.34 -1.83 -24.88
C THR B 150 -8.78 -1.78 -26.33
N ILE B 151 -9.48 -2.84 -26.73
CA ILE B 151 -9.99 -2.98 -28.08
C ILE B 151 -11.05 -1.89 -28.29
N ASN B 152 -11.49 -1.30 -27.20
CA ASN B 152 -12.49 -0.24 -27.25
C ASN B 152 -11.89 1.16 -27.34
N ASP B 153 -10.56 1.25 -27.29
CA ASP B 153 -9.87 2.55 -27.39
C ASP B 153 -9.07 2.45 -28.66
N ASN B 154 -9.65 1.79 -29.65
CA ASN B 154 -9.01 1.53 -30.93
C ASN B 154 -8.90 2.64 -31.97
N SER B 155 -8.03 3.61 -31.69
CA SER B 155 -7.74 4.68 -32.63
C SER B 155 -6.47 5.36 -32.14
N VAL B 156 -5.70 5.91 -33.07
CA VAL B 156 -4.46 6.61 -32.73
C VAL B 156 -4.70 7.68 -31.65
N SER B 157 -5.79 8.43 -31.78
CA SER B 157 -6.13 9.50 -30.83
C SER B 157 -6.56 9.00 -29.46
N LYS B 158 -7.39 7.97 -29.43
CA LYS B 158 -7.86 7.43 -28.17
C LYS B 158 -6.67 6.89 -27.34
N ILE B 159 -5.69 6.29 -28.01
CA ILE B 159 -4.51 5.77 -27.32
C ILE B 159 -3.63 6.94 -26.92
N TYR B 160 -3.51 7.94 -27.80
CA TYR B 160 -2.69 9.13 -27.52
C TYR B 160 -3.17 9.75 -26.22
N GLN B 161 -4.49 9.87 -26.07
CA GLN B 161 -5.05 10.44 -24.85
C GLN B 161 -4.74 9.56 -23.64
N ILE B 162 -4.67 8.25 -23.82
CA ILE B 162 -4.36 7.39 -22.68
C ILE B 162 -2.90 7.57 -22.29
N LEU B 163 -2.02 7.63 -23.29
CA LEU B 163 -0.59 7.83 -23.04
C LEU B 163 -0.39 9.21 -22.40
N SER B 164 -1.21 10.17 -22.79
CA SER B 164 -1.11 11.53 -22.23
C SER B 164 -1.50 11.55 -20.75
N ASN B 165 -2.15 10.49 -20.27
CA ASN B 165 -2.53 10.42 -18.86
C ASN B 165 -1.38 9.87 -18.00
N TRP B 166 -0.30 9.47 -18.65
CA TRP B 166 0.85 8.96 -17.94
C TRP B 166 1.59 10.15 -17.31
N HIS B 167 2.19 9.94 -16.14
CA HIS B 167 2.89 11.01 -15.40
C HIS B 167 4.30 11.42 -15.86
N GLU B 168 4.87 10.72 -16.85
CA GLU B 168 6.20 11.09 -17.35
C GLU B 168 6.09 11.33 -18.84
N GLU B 169 6.77 12.35 -19.32
CA GLU B 169 6.75 12.71 -20.73
C GLU B 169 7.89 12.06 -21.51
N ASP B 170 9.01 11.86 -20.83
CA ASP B 170 10.20 11.28 -21.47
C ASP B 170 10.26 9.77 -21.44
N VAL B 171 9.22 9.13 -21.98
CA VAL B 171 9.14 7.68 -22.06
C VAL B 171 10.05 7.23 -23.20
N ARG B 172 10.88 6.23 -22.97
CA ARG B 172 11.80 5.74 -24.00
C ARG B 172 11.77 4.22 -24.16
N ALA B 173 11.16 3.52 -23.22
CA ALA B 173 11.07 2.08 -23.31
C ALA B 173 9.70 1.66 -22.86
N ILE B 174 9.03 0.89 -23.71
CA ILE B 174 7.69 0.37 -23.42
C ILE B 174 7.71 -1.14 -23.55
N VAL B 175 7.16 -1.84 -22.55
CA VAL B 175 7.04 -3.29 -22.61
C VAL B 175 5.54 -3.53 -22.64
N VAL B 176 5.06 -4.16 -23.70
CA VAL B 176 3.63 -4.40 -23.87
C VAL B 176 3.27 -5.89 -23.95
N THR B 177 2.09 -6.23 -23.46
CA THR B 177 1.60 -7.60 -23.49
C THR B 177 0.09 -7.60 -23.65
N ASP B 178 -0.47 -8.68 -24.20
CA ASP B 178 -1.92 -8.75 -24.29
C ASP B 178 -2.36 -9.82 -23.28
N GLY B 179 -1.36 -10.37 -22.58
CA GLY B 179 -1.60 -11.38 -21.57
C GLY B 179 -2.12 -12.74 -22.00
N GLU B 180 -2.12 -13.03 -23.30
CA GLU B 180 -2.63 -14.32 -23.72
C GLU B 180 -1.72 -15.47 -23.32
N ARG B 181 -0.42 -15.24 -23.36
CA ARG B 181 0.50 -16.31 -23.02
C ARG B 181 1.57 -15.99 -21.98
N ILE B 182 1.13 -15.75 -20.73
CA ILE B 182 2.08 -15.48 -19.66
C ILE B 182 2.85 -16.75 -19.40
N LEU B 183 4.17 -16.64 -19.42
CA LEU B 183 5.06 -17.79 -19.25
C LEU B 183 4.69 -18.79 -18.16
N GLY B 184 4.31 -19.99 -18.59
CA GLY B 184 3.97 -21.04 -17.64
C GLY B 184 2.56 -21.02 -17.08
N LEU B 185 1.74 -20.04 -17.45
CA LEU B 185 0.38 -19.99 -16.92
C LEU B 185 -0.70 -19.80 -17.96
N GLY B 186 -0.35 -19.24 -19.11
CA GLY B 186 -1.34 -19.05 -20.15
C GLY B 186 -1.99 -17.68 -20.21
N ASP B 187 -3.30 -17.67 -20.41
CA ASP B 187 -4.07 -16.46 -20.56
C ASP B 187 -4.63 -15.93 -19.23
N LEU B 188 -4.08 -14.84 -18.73
CA LEU B 188 -4.57 -14.28 -17.48
C LEU B 188 -5.25 -12.93 -17.72
N GLY B 189 -5.51 -12.63 -18.98
CA GLY B 189 -6.19 -11.38 -19.33
C GLY B 189 -5.62 -10.12 -18.67
N ALA B 190 -6.51 -9.23 -18.25
CA ALA B 190 -6.12 -7.97 -17.62
C ALA B 190 -5.25 -8.14 -16.38
N TYR B 191 -5.22 -9.34 -15.83
CA TYR B 191 -4.40 -9.61 -14.64
C TYR B 191 -2.93 -9.66 -15.04
N GLY B 192 -2.66 -9.68 -16.34
CA GLY B 192 -1.29 -9.74 -16.83
C GLY B 192 -0.43 -8.48 -16.78
N ILE B 193 -0.99 -7.38 -16.29
CA ILE B 193 -0.27 -6.13 -16.21
C ILE B 193 1.02 -6.21 -15.39
N GLY B 194 1.12 -7.22 -14.52
CA GLY B 194 2.30 -7.35 -13.68
C GLY B 194 3.55 -7.76 -14.44
N ILE B 195 3.35 -8.46 -15.55
CA ILE B 195 4.46 -8.92 -16.35
C ILE B 195 5.30 -7.74 -16.86
N PRO B 196 4.68 -6.78 -17.56
CA PRO B 196 5.41 -5.62 -18.08
C PRO B 196 6.09 -4.89 -16.94
N VAL B 197 5.36 -4.68 -15.84
CA VAL B 197 5.92 -3.99 -14.70
C VAL B 197 7.20 -4.69 -14.27
N GLY B 198 7.10 -6.01 -14.09
CA GLY B 198 8.25 -6.79 -13.68
C GLY B 198 9.40 -6.76 -14.68
N LYS B 199 9.09 -6.85 -15.97
CA LYS B 199 10.11 -6.82 -17.01
C LYS B 199 10.87 -5.50 -16.99
N LEU B 200 10.13 -4.39 -16.87
CA LEU B 200 10.76 -3.07 -16.84
C LEU B 200 11.62 -2.93 -15.58
N ALA B 201 11.20 -3.56 -14.48
CA ALA B 201 11.97 -3.49 -13.25
C ALA B 201 13.36 -4.06 -13.47
N LEU B 202 13.46 -5.14 -14.24
CA LEU B 202 14.76 -5.73 -14.53
C LEU B 202 15.57 -4.85 -15.51
N TYR B 203 14.85 -4.15 -16.40
CA TYR B 203 15.50 -3.22 -17.33
C TYR B 203 16.39 -2.29 -16.50
N VAL B 204 15.81 -1.75 -15.44
CA VAL B 204 16.49 -0.83 -14.54
C VAL B 204 17.55 -1.51 -13.67
N ALA B 205 17.13 -2.52 -12.91
CA ALA B 205 18.01 -3.26 -12.01
C ALA B 205 19.19 -3.91 -12.71
N LEU B 206 18.94 -4.59 -13.81
CA LEU B 206 19.99 -5.30 -14.51
C LEU B 206 20.67 -4.53 -15.64
N GLY B 207 19.88 -3.73 -16.35
CA GLY B 207 20.44 -2.97 -17.46
C GLY B 207 20.95 -1.59 -17.13
N GLY B 208 20.38 -0.96 -16.10
CA GLY B 208 20.81 0.37 -15.74
C GLY B 208 19.95 1.42 -16.44
N VAL B 209 18.95 0.95 -17.18
CA VAL B 209 18.02 1.82 -17.88
C VAL B 209 17.39 2.73 -16.83
N GLN B 210 17.18 4.00 -17.16
CA GLN B 210 16.59 4.93 -16.19
C GLN B 210 15.13 4.57 -15.98
N PRO B 211 14.68 4.54 -14.72
CA PRO B 211 13.28 4.19 -14.40
C PRO B 211 12.25 5.10 -15.04
N LYS B 212 12.51 6.40 -15.08
CA LYS B 212 11.51 7.30 -15.65
C LYS B 212 11.23 7.08 -17.13
N TRP B 213 12.13 6.39 -17.83
CA TRP B 213 11.93 6.12 -19.24
C TRP B 213 10.99 4.93 -19.49
N CYS B 214 10.67 4.18 -18.43
CA CYS B 214 9.85 2.98 -18.59
C CYS B 214 8.35 3.13 -18.51
N LEU B 215 7.66 2.45 -19.42
CA LEU B 215 6.21 2.49 -19.46
C LEU B 215 5.62 1.10 -19.70
N PRO B 216 5.02 0.49 -18.65
CA PRO B 216 4.41 -0.84 -18.76
C PRO B 216 3.00 -0.69 -19.35
N VAL B 217 2.64 -1.56 -20.30
CA VAL B 217 1.32 -1.49 -20.90
C VAL B 217 0.71 -2.88 -21.11
N LEU B 218 -0.61 -2.96 -20.96
CA LEU B 218 -1.32 -4.20 -21.21
C LEU B 218 -2.46 -3.92 -22.17
N LEU B 219 -2.51 -4.63 -23.29
CA LEU B 219 -3.59 -4.47 -24.25
C LEU B 219 -4.68 -5.47 -23.85
N ASP B 220 -5.88 -4.97 -23.57
CA ASP B 220 -7.00 -5.85 -23.19
C ASP B 220 -7.98 -5.93 -24.36
N VAL B 221 -8.03 -7.10 -24.98
CA VAL B 221 -8.93 -7.31 -26.10
C VAL B 221 -9.93 -8.41 -25.70
N GLY B 222 -9.88 -8.80 -24.43
CA GLY B 222 -10.75 -9.85 -23.95
C GLY B 222 -9.91 -11.03 -23.49
N THR B 223 -10.55 -12.10 -23.03
CA THR B 223 -9.80 -13.27 -22.57
C THR B 223 -10.57 -14.56 -22.84
N ASN B 224 -9.84 -15.64 -23.10
CA ASN B 224 -10.49 -16.92 -23.36
C ASN B 224 -10.39 -17.82 -22.13
N ASN B 225 -9.87 -17.26 -21.03
CA ASN B 225 -9.75 -18.01 -19.79
C ASN B 225 -11.15 -18.00 -19.19
N MET B 226 -11.92 -19.04 -19.48
CA MET B 226 -13.30 -19.13 -19.00
C MET B 226 -13.48 -18.90 -17.51
N ASP B 227 -12.49 -19.29 -16.72
CA ASP B 227 -12.61 -19.08 -15.28
C ASP B 227 -12.68 -17.59 -14.97
N LEU B 228 -11.85 -16.80 -15.65
CA LEU B 228 -11.87 -15.36 -15.41
C LEU B 228 -13.19 -14.79 -15.88
N LEU B 229 -13.64 -15.21 -17.06
CA LEU B 229 -14.91 -14.72 -17.60
C LEU B 229 -16.05 -15.04 -16.65
N ASN B 230 -15.97 -16.18 -15.97
CA ASN B 230 -17.01 -16.61 -15.04
C ASN B 230 -16.79 -16.06 -13.65
N ASP B 231 -15.62 -15.48 -13.41
CA ASP B 231 -15.28 -14.93 -12.10
C ASP B 231 -15.86 -13.52 -11.92
N PRO B 232 -16.78 -13.34 -10.95
CA PRO B 232 -17.37 -12.03 -10.71
C PRO B 232 -16.36 -10.97 -10.26
N PHE B 233 -15.17 -11.41 -9.88
CA PHE B 233 -14.11 -10.50 -9.44
C PHE B 233 -13.08 -10.13 -10.52
N TYR B 234 -13.27 -10.63 -11.74
CA TYR B 234 -12.33 -10.31 -12.83
C TYR B 234 -12.54 -8.84 -13.22
N ILE B 235 -11.46 -8.11 -13.45
CA ILE B 235 -11.59 -6.70 -13.77
C ILE B 235 -11.27 -6.31 -15.21
N GLY B 236 -11.25 -7.28 -16.11
CA GLY B 236 -10.97 -7.00 -17.50
C GLY B 236 -12.22 -7.04 -18.35
N LEU B 237 -12.09 -6.86 -19.66
CA LEU B 237 -13.26 -6.88 -20.54
C LEU B 237 -13.84 -8.28 -20.44
N ARG B 238 -15.13 -8.36 -20.09
CA ARG B 238 -15.77 -9.65 -19.91
C ARG B 238 -16.32 -10.28 -21.18
N HIS B 239 -15.42 -10.73 -22.03
CA HIS B 239 -15.76 -11.41 -23.27
C HIS B 239 -14.48 -12.03 -23.81
N LYS B 240 -14.60 -12.90 -24.80
CA LYS B 240 -13.42 -13.56 -25.35
C LYS B 240 -12.59 -12.63 -26.23
N ARG B 241 -11.41 -13.10 -26.61
CA ARG B 241 -10.47 -12.32 -27.41
C ARG B 241 -10.86 -12.00 -28.85
N VAL B 242 -10.81 -10.71 -29.17
CA VAL B 242 -11.12 -10.24 -30.51
C VAL B 242 -9.87 -10.53 -31.35
N ARG B 243 -10.05 -11.08 -32.55
CA ARG B 243 -8.89 -11.41 -33.37
C ARG B 243 -8.98 -10.97 -34.83
N GLY B 244 -10.07 -10.34 -35.22
CA GLY B 244 -10.20 -9.94 -36.61
C GLY B 244 -9.21 -8.91 -37.11
N LYS B 245 -9.68 -8.05 -38.00
CA LYS B 245 -8.86 -6.99 -38.53
C LYS B 245 -8.74 -5.99 -37.38
N ASP B 246 -9.72 -6.04 -36.48
CA ASP B 246 -9.76 -5.16 -35.32
C ASP B 246 -8.54 -5.29 -34.44
N TYR B 247 -8.10 -6.52 -34.19
CA TYR B 247 -6.93 -6.73 -33.36
C TYR B 247 -5.72 -6.11 -34.04
N ASP B 248 -5.44 -6.57 -35.25
CA ASP B 248 -4.30 -6.05 -35.98
C ASP B 248 -4.36 -4.55 -36.14
N THR B 249 -5.57 -3.99 -36.21
CA THR B 249 -5.73 -2.55 -36.37
C THR B 249 -5.36 -1.87 -35.04
N LEU B 250 -5.76 -2.47 -33.93
CA LEU B 250 -5.45 -1.96 -32.60
C LEU B 250 -3.93 -1.90 -32.40
N LEU B 251 -3.25 -2.95 -32.81
CA LEU B 251 -1.80 -3.00 -32.66
C LEU B 251 -1.12 -1.95 -33.55
N ASP B 252 -1.60 -1.78 -34.78
CA ASP B 252 -1.00 -0.79 -35.67
C ASP B 252 -1.22 0.61 -35.10
N ASN B 253 -2.40 0.86 -34.55
CA ASN B 253 -2.68 2.16 -33.95
C ASN B 253 -1.82 2.34 -32.70
N PHE B 254 -1.60 1.26 -31.96
CA PHE B 254 -0.78 1.34 -30.76
C PHE B 254 0.63 1.79 -31.11
N MET B 255 1.23 1.13 -32.10
CA MET B 255 2.57 1.49 -32.50
C MET B 255 2.62 2.95 -33.02
N LYS B 256 1.60 3.36 -33.78
CA LYS B 256 1.59 4.74 -34.30
C LYS B 256 1.49 5.74 -33.15
N ALA B 257 0.52 5.53 -32.27
CA ALA B 257 0.31 6.42 -31.15
C ALA B 257 1.54 6.54 -30.25
N CYS B 258 2.21 5.43 -29.96
CA CYS B 258 3.38 5.50 -29.10
C CYS B 258 4.51 6.32 -29.70
N THR B 259 4.77 6.13 -31.00
CA THR B 259 5.86 6.87 -31.65
C THR B 259 5.48 8.30 -31.98
N LYS B 260 4.19 8.54 -32.16
CA LYS B 260 3.73 9.89 -32.44
C LYS B 260 3.90 10.64 -31.12
N LYS B 261 3.55 9.96 -30.04
CA LYS B 261 3.61 10.52 -28.70
C LYS B 261 5.00 10.73 -28.11
N TYR B 262 5.86 9.73 -28.24
CA TYR B 262 7.21 9.82 -27.66
C TYR B 262 8.34 9.83 -28.68
N GLY B 263 8.02 9.59 -29.95
CA GLY B 263 9.05 9.57 -30.97
C GLY B 263 9.33 8.20 -31.56
N GLN B 264 9.72 8.20 -32.82
CA GLN B 264 10.06 6.99 -33.57
C GLN B 264 11.15 6.18 -32.87
N LYS B 265 11.94 6.85 -32.05
CA LYS B 265 13.02 6.16 -31.40
C LYS B 265 12.59 5.32 -30.20
N THR B 266 11.35 5.49 -29.78
CA THR B 266 10.81 4.77 -28.63
C THR B 266 10.96 3.26 -28.81
N LEU B 267 11.62 2.61 -27.84
CA LEU B 267 11.82 1.17 -27.89
C LEU B 267 10.54 0.52 -27.40
N ILE B 268 10.02 -0.43 -28.17
CA ILE B 268 8.78 -1.12 -27.80
C ILE B 268 9.02 -2.63 -27.83
N GLN B 269 9.03 -3.25 -26.66
CA GLN B 269 9.28 -4.68 -26.56
C GLN B 269 8.02 -5.46 -26.20
N PHE B 270 7.70 -6.47 -27.01
CA PHE B 270 6.52 -7.31 -26.82
C PHE B 270 6.83 -8.48 -25.89
N GLU B 271 5.90 -8.77 -24.99
CA GLU B 271 6.08 -9.84 -24.03
C GLU B 271 4.83 -10.70 -23.84
N ASP B 272 5.04 -11.99 -23.67
CA ASP B 272 3.97 -12.95 -23.44
C ASP B 272 2.74 -12.88 -24.37
N PHE B 273 2.98 -12.76 -25.67
CA PHE B 273 1.90 -12.78 -26.65
C PHE B 273 1.77 -14.24 -27.08
N ALA B 274 0.62 -14.63 -27.63
CA ALA B 274 0.47 -16.01 -28.11
C ALA B 274 1.57 -16.19 -29.16
N ASN B 275 2.21 -17.34 -29.20
CA ASN B 275 3.29 -17.55 -30.15
C ASN B 275 3.02 -17.05 -31.58
N PRO B 276 1.84 -17.34 -32.16
CA PRO B 276 1.54 -16.87 -33.51
C PRO B 276 1.58 -15.35 -33.64
N ASN B 277 0.95 -14.65 -32.70
CA ASN B 277 0.96 -13.19 -32.73
C ASN B 277 2.36 -12.66 -32.46
N ALA B 278 3.07 -13.33 -31.55
CA ALA B 278 4.44 -12.92 -31.23
C ALA B 278 5.25 -12.87 -32.50
N PHE B 279 5.30 -14.00 -33.20
CA PHE B 279 6.06 -14.08 -34.44
C PHE B 279 5.54 -13.16 -35.54
N ARG B 280 4.24 -13.20 -35.80
CA ARG B 280 3.65 -12.35 -36.84
C ARG B 280 3.95 -10.86 -36.61
N LEU B 281 3.70 -10.37 -35.40
CA LEU B 281 3.93 -8.97 -35.06
C LEU B 281 5.40 -8.59 -35.17
N LEU B 282 6.28 -9.46 -34.68
CA LEU B 282 7.71 -9.21 -34.77
C LEU B 282 8.11 -9.05 -36.24
N ASP B 283 7.69 -10.01 -37.05
CA ASP B 283 8.00 -10.02 -38.47
C ASP B 283 7.49 -8.74 -39.13
N LYS B 284 6.35 -8.25 -38.64
CA LYS B 284 5.72 -7.06 -39.19
C LYS B 284 6.31 -5.70 -38.74
N TYR B 285 6.73 -5.59 -37.49
CA TYR B 285 7.25 -4.32 -36.97
C TYR B 285 8.76 -4.23 -36.82
N GLN B 286 9.45 -5.36 -36.92
CA GLN B 286 10.88 -5.43 -36.79
C GLN B 286 11.69 -4.35 -37.52
N ASP B 287 11.32 -4.08 -38.77
CA ASP B 287 12.05 -3.09 -39.56
C ASP B 287 11.26 -1.81 -39.80
N LYS B 288 10.18 -1.62 -39.05
CA LYS B 288 9.38 -0.42 -39.21
C LYS B 288 9.51 0.44 -37.94
N TYR B 289 9.82 -0.21 -36.82
CA TYR B 289 9.98 0.47 -35.54
C TYR B 289 11.17 -0.03 -34.76
N THR B 290 11.44 0.62 -33.63
CA THR B 290 12.51 0.20 -32.72
C THR B 290 11.77 -0.81 -31.83
N MET B 291 11.75 -2.07 -32.27
CA MET B 291 10.99 -3.07 -31.55
C MET B 291 11.65 -4.45 -31.51
N PHE B 292 11.23 -5.27 -30.55
CA PHE B 292 11.72 -6.64 -30.47
C PHE B 292 10.88 -7.46 -29.50
N ASN B 293 11.06 -8.77 -29.52
CA ASN B 293 10.30 -9.66 -28.66
C ASN B 293 11.30 -10.57 -27.96
N ASP B 294 11.43 -10.38 -26.65
CA ASP B 294 12.39 -11.13 -25.87
C ASP B 294 12.22 -12.65 -25.93
N ASP B 295 10.99 -13.13 -25.76
CA ASP B 295 10.70 -14.55 -25.78
C ASP B 295 11.26 -15.23 -27.04
N ILE B 296 11.25 -14.51 -28.15
CA ILE B 296 11.76 -15.05 -29.41
C ILE B 296 13.25 -14.84 -29.57
N GLN B 297 13.65 -13.57 -29.71
CA GLN B 297 15.06 -13.21 -29.91
C GLN B 297 15.94 -13.27 -28.67
N GLY B 298 15.38 -12.85 -27.53
CA GLY B 298 16.15 -12.88 -26.31
C GLY B 298 16.52 -14.32 -26.02
N THR B 299 15.54 -15.20 -26.10
CA THR B 299 15.77 -16.62 -25.86
C THR B 299 16.87 -17.10 -26.80
N ALA B 300 16.58 -17.01 -28.09
CA ALA B 300 17.51 -17.42 -29.12
C ALA B 300 18.92 -16.96 -28.83
N SER B 301 19.06 -15.69 -28.46
CA SER B 301 20.36 -15.09 -28.17
C SER B 301 21.09 -15.66 -26.94
N VAL B 302 20.38 -15.84 -25.84
CA VAL B 302 21.01 -16.33 -24.62
C VAL B 302 21.52 -17.75 -24.81
N ILE B 303 20.74 -18.57 -25.50
CA ILE B 303 21.15 -19.94 -25.73
C ILE B 303 22.37 -20.02 -26.64
N VAL B 304 22.39 -19.24 -27.71
CA VAL B 304 23.54 -19.23 -28.60
C VAL B 304 24.78 -18.81 -27.80
N ALA B 305 24.59 -17.89 -26.85
CA ALA B 305 25.71 -17.46 -26.03
C ALA B 305 26.18 -18.63 -25.18
N GLY B 306 25.26 -19.52 -24.84
CA GLY B 306 25.63 -20.67 -24.03
C GLY B 306 26.49 -21.60 -24.86
N LEU B 307 26.06 -21.81 -26.10
CA LEU B 307 26.76 -22.68 -27.03
C LEU B 307 28.14 -22.11 -27.33
N LEU B 308 28.20 -20.81 -27.64
CA LEU B 308 29.46 -20.17 -27.94
C LEU B 308 30.44 -20.45 -26.81
N THR B 309 29.97 -20.34 -25.57
CA THR B 309 30.83 -20.60 -24.42
C THR B 309 31.27 -22.06 -24.44
N CYS B 310 30.39 -22.95 -24.90
CA CYS B 310 30.72 -24.36 -24.99
C CYS B 310 31.85 -24.59 -25.99
N THR B 311 31.89 -23.78 -27.05
CA THR B 311 32.93 -23.87 -28.06
C THR B 311 34.31 -23.88 -27.43
N ARG B 312 34.50 -23.01 -26.43
CA ARG B 312 35.78 -22.92 -25.74
C ARG B 312 36.22 -24.26 -25.13
N VAL B 313 35.29 -25.20 -24.97
CA VAL B 313 35.61 -26.50 -24.38
C VAL B 313 35.55 -27.66 -25.37
N THR B 314 34.77 -27.50 -26.45
CA THR B 314 34.67 -28.56 -27.45
C THR B 314 35.60 -28.26 -28.62
N LYS B 315 36.39 -27.20 -28.49
CA LYS B 315 37.32 -26.79 -29.54
C LYS B 315 36.67 -26.90 -30.93
N LYS B 316 35.34 -26.79 -30.97
CA LYS B 316 34.60 -26.86 -32.21
C LYS B 316 33.78 -25.60 -32.42
N LEU B 317 33.93 -24.99 -33.58
CA LEU B 317 33.21 -23.77 -33.92
C LEU B 317 31.72 -24.06 -34.01
N VAL B 318 30.91 -23.01 -33.89
CA VAL B 318 29.46 -23.13 -33.97
C VAL B 318 29.06 -23.74 -35.31
N SER B 319 29.83 -23.41 -36.34
CA SER B 319 29.57 -23.91 -37.69
C SER B 319 30.18 -25.30 -37.87
N GLN B 320 31.25 -25.60 -37.13
CA GLN B 320 31.88 -26.91 -37.21
C GLN B 320 31.18 -27.86 -36.24
N GLU B 321 29.91 -27.61 -35.96
CA GLU B 321 29.16 -28.44 -35.03
C GLU B 321 27.84 -28.92 -35.62
N LYS B 322 27.19 -29.84 -34.92
CA LYS B 322 25.89 -30.35 -35.35
C LYS B 322 24.99 -30.32 -34.13
N TYR B 323 23.82 -29.72 -34.28
CA TYR B 323 22.89 -29.61 -33.16
C TYR B 323 21.61 -30.40 -33.39
N LEU B 324 21.04 -30.89 -32.30
CA LEU B 324 19.80 -31.64 -32.38
C LEU B 324 18.79 -31.08 -31.39
N PHE B 325 17.74 -30.47 -31.91
CA PHE B 325 16.71 -29.91 -31.06
C PHE B 325 15.54 -30.87 -30.84
N PHE B 326 15.30 -31.22 -29.59
CA PHE B 326 14.18 -32.09 -29.28
C PHE B 326 13.07 -31.13 -28.92
N GLY B 327 12.16 -30.94 -29.86
CA GLY B 327 11.07 -30.00 -29.68
C GLY B 327 11.41 -28.94 -30.70
N ALA B 328 10.46 -28.59 -31.55
CA ALA B 328 10.70 -27.59 -32.57
C ALA B 328 9.62 -26.51 -32.49
N GLY B 329 9.40 -26.01 -31.27
CA GLY B 329 8.40 -24.99 -31.06
C GLY B 329 8.97 -23.60 -31.29
N ALA B 330 8.40 -22.60 -30.61
CA ALA B 330 8.88 -21.23 -30.76
C ALA B 330 10.33 -21.12 -30.33
N ALA B 331 10.64 -21.78 -29.22
CA ALA B 331 11.98 -21.74 -28.66
C ALA B 331 13.08 -22.35 -29.53
N SER B 332 12.90 -23.60 -29.93
CA SER B 332 13.91 -24.28 -30.75
C SER B 332 14.08 -23.66 -32.14
N THR B 333 12.96 -23.41 -32.80
CA THR B 333 13.00 -22.82 -34.13
C THR B 333 13.77 -21.50 -34.07
N GLY B 334 13.50 -20.70 -33.03
CA GLY B 334 14.19 -19.43 -32.91
C GLY B 334 15.68 -19.60 -32.72
N ILE B 335 16.07 -20.50 -31.82
CA ILE B 335 17.48 -20.75 -31.57
C ILE B 335 18.15 -21.26 -32.84
N ALA B 336 17.48 -22.17 -33.54
CA ALA B 336 18.01 -22.73 -34.77
C ALA B 336 18.38 -21.61 -35.75
N GLU B 337 17.41 -20.75 -36.05
CA GLU B 337 17.60 -19.65 -36.99
C GLU B 337 18.71 -18.72 -36.53
N MET B 338 18.84 -18.55 -35.23
CA MET B 338 19.88 -17.69 -34.69
C MET B 338 21.25 -18.36 -34.83
N ILE B 339 21.27 -19.67 -34.65
CA ILE B 339 22.52 -20.43 -34.80
C ILE B 339 22.96 -20.33 -36.25
N VAL B 340 22.01 -20.57 -37.15
CA VAL B 340 22.28 -20.50 -38.57
C VAL B 340 22.97 -19.18 -38.87
N HIS B 341 22.27 -18.08 -38.55
CA HIS B 341 22.78 -16.74 -38.77
C HIS B 341 24.21 -16.62 -38.25
N GLN B 342 24.52 -17.33 -37.16
CA GLN B 342 25.85 -17.30 -36.60
C GLN B 342 26.83 -18.05 -37.49
N MET B 343 26.39 -19.17 -38.04
CA MET B 343 27.25 -19.95 -38.91
C MET B 343 27.64 -19.14 -40.14
N GLN B 344 26.66 -18.48 -40.75
CA GLN B 344 26.93 -17.68 -41.93
C GLN B 344 27.98 -16.60 -41.64
N ASN B 345 27.84 -15.92 -40.51
CA ASN B 345 28.79 -14.87 -40.13
C ASN B 345 30.17 -15.45 -39.78
N GLU B 346 30.33 -16.76 -39.93
CA GLU B 346 31.61 -17.39 -39.63
C GLU B 346 32.31 -17.84 -40.90
N GLY B 347 31.70 -17.56 -42.05
CA GLY B 347 32.30 -17.92 -43.32
C GLY B 347 31.57 -18.93 -44.19
N ILE B 348 30.66 -19.70 -43.59
CA ILE B 348 29.93 -20.71 -44.34
C ILE B 348 28.66 -20.16 -44.98
N SER B 349 27.93 -21.00 -45.70
CA SER B 349 26.70 -20.62 -46.36
C SER B 349 25.49 -21.20 -45.63
N LYS B 350 24.30 -20.77 -46.02
CA LYS B 350 23.07 -21.24 -45.41
C LYS B 350 22.77 -22.70 -45.74
N GLU B 351 23.72 -23.38 -46.37
CA GLU B 351 23.57 -24.78 -46.75
C GLU B 351 24.09 -25.71 -45.65
N GLU B 352 25.41 -25.69 -45.42
CA GLU B 352 25.98 -26.52 -44.37
C GLU B 352 25.29 -26.15 -43.06
N ALA B 353 24.99 -24.86 -42.92
CA ALA B 353 24.33 -24.35 -41.72
C ALA B 353 23.07 -25.14 -41.41
N CYS B 354 22.05 -25.00 -42.25
CA CYS B 354 20.80 -25.69 -42.05
C CYS B 354 20.96 -27.21 -42.05
N ASN B 355 21.99 -27.70 -42.72
CA ASN B 355 22.23 -29.14 -42.78
C ASN B 355 22.91 -29.63 -41.50
N ARG B 356 23.17 -28.71 -40.58
CA ARG B 356 23.80 -29.04 -39.31
C ARG B 356 22.83 -28.96 -38.14
N ILE B 357 21.55 -28.76 -38.46
CA ILE B 357 20.52 -28.68 -37.43
C ILE B 357 19.41 -29.71 -37.63
N TYR B 358 19.18 -30.51 -36.60
CA TYR B 358 18.14 -31.53 -36.67
C TYR B 358 17.03 -31.26 -35.67
N LEU B 359 15.83 -31.04 -36.20
CA LEU B 359 14.66 -30.73 -35.39
C LEU B 359 13.68 -31.89 -35.22
N MET B 360 13.08 -31.96 -34.04
CA MET B 360 12.10 -33.00 -33.74
C MET B 360 10.95 -32.34 -32.98
N ASP B 361 9.73 -32.76 -33.28
CA ASP B 361 8.55 -32.24 -32.59
C ASP B 361 7.84 -33.41 -31.93
N ILE B 362 6.53 -33.29 -31.73
CA ILE B 362 5.76 -34.36 -31.10
C ILE B 362 5.62 -35.57 -32.01
N ASP B 363 5.58 -35.34 -33.31
CA ASP B 363 5.45 -36.42 -34.28
C ASP B 363 6.83 -36.83 -34.80
N GLY B 364 7.72 -37.18 -33.88
CA GLY B 364 9.06 -37.60 -34.26
C GLY B 364 9.88 -36.58 -35.01
N LEU B 365 10.96 -37.06 -35.64
CA LEU B 365 11.86 -36.21 -36.42
C LEU B 365 11.14 -35.42 -37.50
N VAL B 366 11.87 -34.53 -38.17
CA VAL B 366 11.32 -33.71 -39.24
C VAL B 366 11.83 -34.23 -40.58
N THR B 367 11.06 -35.09 -41.22
CA THR B 367 11.43 -35.67 -42.51
C THR B 367 10.75 -34.97 -43.68
N LYS B 368 11.51 -34.73 -44.74
CA LYS B 368 10.95 -34.04 -45.92
C LYS B 368 9.69 -34.70 -46.50
N ASN B 369 9.40 -35.93 -46.07
CA ASN B 369 8.21 -36.63 -46.55
C ASN B 369 6.98 -36.13 -45.81
N ARG B 370 7.18 -35.10 -44.98
CA ARG B 370 6.12 -34.50 -44.18
C ARG B 370 4.89 -34.04 -44.95
N LYS B 371 3.80 -33.84 -44.21
CA LYS B 371 2.53 -33.36 -44.75
C LYS B 371 2.07 -32.28 -43.76
N GLU B 372 1.73 -31.10 -44.27
CA GLU B 372 1.27 -30.01 -43.40
C GLU B 372 2.27 -29.72 -42.29
N MET B 373 3.44 -29.20 -42.67
CA MET B 373 4.47 -28.85 -41.68
C MET B 373 4.59 -27.33 -41.60
N ASN B 374 5.38 -26.85 -40.64
CA ASN B 374 5.57 -25.42 -40.48
C ASN B 374 6.58 -24.88 -41.48
N PRO B 375 6.27 -23.75 -42.14
CA PRO B 375 7.13 -23.11 -43.13
C PRO B 375 8.56 -22.87 -42.65
N ARG B 376 8.69 -22.46 -41.39
CA ARG B 376 10.01 -22.20 -40.81
C ARG B 376 10.81 -23.48 -40.71
N HIS B 377 10.12 -24.57 -40.39
CA HIS B 377 10.72 -25.89 -40.25
C HIS B 377 11.31 -26.41 -41.56
N VAL B 378 10.52 -26.38 -42.62
CA VAL B 378 10.93 -26.87 -43.93
C VAL B 378 12.44 -26.82 -44.21
N GLN B 379 13.03 -25.63 -44.16
CA GLN B 379 14.47 -25.49 -44.43
C GLN B 379 15.40 -26.31 -43.53
N PHE B 380 14.84 -26.93 -42.50
CA PHE B 380 15.63 -27.75 -41.59
C PHE B 380 15.28 -29.22 -41.73
N ALA B 381 14.18 -29.50 -42.42
CA ALA B 381 13.72 -30.87 -42.64
C ALA B 381 14.81 -31.70 -43.30
N LYS B 382 15.03 -32.90 -42.77
CA LYS B 382 16.06 -33.79 -43.31
C LYS B 382 15.48 -34.86 -44.23
N ASP B 383 16.29 -35.25 -45.22
CA ASP B 383 15.92 -36.28 -46.16
C ASP B 383 16.36 -37.65 -45.67
N MET B 384 16.03 -37.95 -44.41
CA MET B 384 16.42 -39.21 -43.81
C MET B 384 15.20 -39.99 -43.32
N PRO B 385 15.39 -41.21 -42.80
CA PRO B 385 14.29 -42.04 -42.29
C PRO B 385 13.44 -41.42 -41.19
N GLU B 386 12.21 -41.88 -41.06
CA GLU B 386 11.28 -41.36 -40.05
C GLU B 386 11.33 -42.16 -38.74
N THR B 387 11.97 -41.58 -37.73
CA THR B 387 12.12 -42.20 -36.42
C THR B 387 11.43 -41.35 -35.34
N THR B 388 11.31 -41.89 -34.14
CA THR B 388 10.69 -41.18 -33.02
C THR B 388 11.59 -41.21 -31.80
N SER B 389 12.51 -42.17 -31.78
CA SER B 389 13.43 -42.30 -30.66
C SER B 389 14.59 -41.34 -30.82
N ILE B 390 14.94 -40.66 -29.73
CA ILE B 390 16.05 -39.72 -29.74
C ILE B 390 17.33 -40.50 -30.02
N LEU B 391 17.48 -41.63 -29.34
CA LEU B 391 18.65 -42.47 -29.51
C LEU B 391 18.89 -42.80 -30.98
N GLU B 392 17.79 -43.11 -31.68
CA GLU B 392 17.89 -43.45 -33.09
C GLU B 392 18.29 -42.25 -33.95
N VAL B 393 18.20 -41.06 -33.36
CA VAL B 393 18.58 -39.84 -34.08
C VAL B 393 20.00 -39.44 -33.64
N ILE B 394 20.27 -39.61 -32.35
CA ILE B 394 21.59 -39.29 -31.81
C ILE B 394 22.62 -40.21 -32.46
N ARG B 395 22.20 -41.44 -32.73
CA ARG B 395 23.06 -42.45 -33.32
C ARG B 395 23.19 -42.28 -34.83
N ALA B 396 22.22 -41.62 -35.44
CA ALA B 396 22.21 -41.40 -36.89
C ALA B 396 23.07 -40.22 -37.35
N ALA B 397 22.74 -39.02 -36.88
CA ALA B 397 23.48 -37.82 -37.26
C ALA B 397 24.56 -37.49 -36.24
N ARG B 398 24.67 -38.31 -35.20
CA ARG B 398 25.65 -38.12 -34.12
C ARG B 398 26.00 -36.66 -33.92
N PRO B 399 25.04 -35.88 -33.41
CA PRO B 399 25.22 -34.44 -33.15
C PRO B 399 26.15 -34.19 -31.97
N GLY B 400 26.79 -33.03 -31.97
CA GLY B 400 27.69 -32.67 -30.89
C GLY B 400 26.94 -32.02 -29.75
N ALA B 401 25.70 -31.61 -30.03
CA ALA B 401 24.87 -30.95 -29.02
C ALA B 401 23.41 -31.38 -29.10
N LEU B 402 22.83 -31.61 -27.93
CA LEU B 402 21.43 -32.00 -27.81
C LEU B 402 20.72 -30.91 -27.02
N ILE B 403 19.70 -30.29 -27.61
CA ILE B 403 18.99 -29.22 -26.93
C ILE B 403 17.49 -29.51 -26.76
N GLY B 404 17.06 -29.53 -25.50
CA GLY B 404 15.68 -29.83 -25.19
C GLY B 404 14.79 -28.64 -24.89
N ALA B 405 13.71 -28.53 -25.66
CA ALA B 405 12.74 -27.46 -25.51
C ALA B 405 11.37 -28.04 -25.84
N SER B 406 10.85 -28.86 -24.93
CA SER B 406 9.56 -29.50 -25.13
C SER B 406 9.02 -29.99 -23.78
N THR B 407 7.80 -29.60 -23.47
CA THR B 407 7.13 -29.96 -22.22
C THR B 407 7.67 -31.17 -21.46
N VAL B 408 7.91 -32.27 -22.18
CA VAL B 408 8.39 -33.53 -21.60
C VAL B 408 9.47 -33.55 -20.53
N ARG B 409 9.10 -34.07 -19.37
CA ARG B 409 10.03 -34.21 -18.27
C ARG B 409 10.86 -35.46 -18.51
N GLY B 410 12.10 -35.47 -18.03
CA GLY B 410 12.97 -36.61 -18.20
C GLY B 410 12.96 -37.24 -19.58
N ALA B 411 12.86 -36.42 -20.62
CA ALA B 411 12.85 -36.92 -21.99
C ALA B 411 14.23 -37.45 -22.34
N PHE B 412 15.25 -36.91 -21.68
CA PHE B 412 16.64 -37.33 -21.89
C PHE B 412 17.00 -38.34 -20.82
N ASN B 413 16.74 -39.62 -21.10
CA ASN B 413 17.04 -40.71 -20.17
C ASN B 413 18.50 -41.12 -20.23
N GLU B 414 18.93 -41.92 -19.26
CA GLU B 414 20.31 -42.39 -19.20
C GLU B 414 20.82 -42.89 -20.56
N GLU B 415 19.99 -43.63 -21.28
CA GLU B 415 20.41 -44.16 -22.57
C GLU B 415 20.68 -43.04 -23.56
N VAL B 416 19.91 -41.96 -23.46
CA VAL B 416 20.06 -40.82 -24.35
C VAL B 416 21.35 -40.08 -24.09
N ILE B 417 21.59 -39.80 -22.81
CA ILE B 417 22.79 -39.09 -22.38
C ILE B 417 24.02 -39.95 -22.60
N ARG B 418 23.96 -41.21 -22.18
CA ARG B 418 25.07 -42.15 -22.34
C ARG B 418 25.53 -42.19 -23.79
N ALA B 419 24.56 -42.10 -24.70
CA ALA B 419 24.84 -42.13 -26.13
C ALA B 419 25.57 -40.87 -26.59
N MET B 420 25.35 -39.76 -25.88
CA MET B 420 26.00 -38.49 -26.22
C MET B 420 27.44 -38.52 -25.73
N ALA B 421 27.62 -38.98 -24.49
CA ALA B 421 28.96 -39.06 -23.89
C ALA B 421 29.83 -39.99 -24.72
N GLU B 422 29.19 -40.96 -25.36
CA GLU B 422 29.91 -41.92 -26.19
C GLU B 422 30.35 -41.32 -27.51
N ILE B 423 29.47 -40.54 -28.14
CA ILE B 423 29.79 -39.90 -29.42
C ILE B 423 30.62 -38.62 -29.27
N ASN B 424 30.58 -38.00 -28.10
CA ASN B 424 31.29 -36.75 -27.89
C ASN B 424 32.10 -36.69 -26.59
N GLU B 425 33.35 -36.25 -26.70
CA GLU B 425 34.23 -36.13 -25.54
C GLU B 425 33.57 -35.29 -24.46
N ARG B 426 32.96 -34.19 -24.89
CA ARG B 426 32.25 -33.27 -24.00
C ARG B 426 30.95 -32.92 -24.71
N PRO B 427 29.95 -33.80 -24.61
CA PRO B 427 28.66 -33.57 -25.26
C PRO B 427 27.93 -32.40 -24.65
N ILE B 428 27.25 -31.65 -25.51
CA ILE B 428 26.49 -30.49 -25.07
C ILE B 428 25.05 -30.92 -24.82
N ILE B 429 24.63 -30.84 -23.56
CA ILE B 429 23.27 -31.21 -23.18
C ILE B 429 22.52 -30.06 -22.52
N PHE B 430 21.50 -29.57 -23.22
CA PHE B 430 20.69 -28.46 -22.74
C PHE B 430 19.24 -28.88 -22.54
N ALA B 431 18.74 -28.76 -21.31
CA ALA B 431 17.35 -29.09 -21.01
C ALA B 431 16.69 -27.76 -20.63
N LEU B 432 16.08 -27.10 -21.63
CA LEU B 432 15.46 -25.79 -21.42
C LEU B 432 14.07 -25.74 -20.79
N SER B 433 13.25 -26.77 -21.01
CA SER B 433 11.90 -26.81 -20.47
C SER B 433 11.79 -26.38 -19.00
N ASN B 434 10.87 -25.45 -18.72
CA ASN B 434 10.65 -24.95 -17.37
C ASN B 434 9.28 -25.36 -16.83
N PRO B 435 9.15 -25.51 -15.51
CA PRO B 435 10.20 -25.36 -14.51
C PRO B 435 11.01 -26.66 -14.39
N THR B 436 11.82 -26.78 -13.34
CA THR B 436 12.66 -27.97 -13.14
C THR B 436 11.88 -29.27 -13.30
N SER B 437 10.72 -29.31 -12.66
CA SER B 437 9.85 -30.48 -12.69
C SER B 437 9.37 -30.84 -14.10
N LYS B 438 9.98 -30.23 -15.11
CA LYS B 438 9.61 -30.51 -16.49
C LYS B 438 10.86 -30.51 -17.37
N ALA B 439 12.02 -30.45 -16.72
CA ALA B 439 13.30 -30.43 -17.40
C ALA B 439 13.60 -31.75 -18.12
N GLU B 440 14.00 -31.64 -19.40
CA GLU B 440 14.34 -32.81 -20.21
C GLU B 440 15.15 -33.84 -19.41
N CYS B 441 15.99 -33.34 -18.52
CA CYS B 441 16.81 -34.19 -17.67
C CYS B 441 17.53 -33.25 -16.70
N THR B 442 17.73 -33.70 -15.46
CA THR B 442 18.39 -32.87 -14.48
C THR B 442 19.88 -32.78 -14.75
N ALA B 443 20.58 -32.07 -13.86
CA ALA B 443 22.02 -31.90 -13.99
C ALA B 443 22.71 -33.13 -13.40
N GLU B 444 22.25 -33.55 -12.22
CA GLU B 444 22.81 -34.72 -11.55
C GLU B 444 22.82 -35.88 -12.55
N GLU B 445 21.78 -35.94 -13.39
CA GLU B 445 21.64 -36.97 -14.43
C GLU B 445 22.64 -36.72 -15.55
N ALA B 446 22.61 -35.50 -16.10
CA ALA B 446 23.48 -35.12 -17.19
C ALA B 446 24.95 -35.39 -16.88
N TYR B 447 25.38 -34.96 -15.70
CA TYR B 447 26.77 -35.14 -15.28
C TYR B 447 27.09 -36.59 -14.93
N THR B 448 26.18 -37.24 -14.22
CA THR B 448 26.38 -38.63 -13.82
C THR B 448 26.49 -39.55 -15.04
N PHE B 449 25.39 -39.68 -15.77
CA PHE B 449 25.36 -40.53 -16.95
C PHE B 449 26.31 -40.07 -18.06
N THR B 450 27.30 -39.25 -17.68
CA THR B 450 28.29 -38.73 -18.62
C THR B 450 29.68 -38.80 -17.99
N ASN B 451 29.71 -38.85 -16.66
CA ASN B 451 30.95 -38.91 -15.92
C ASN B 451 31.58 -37.52 -15.88
N GLY B 452 30.77 -36.54 -15.49
CA GLY B 452 31.20 -35.16 -15.39
C GLY B 452 31.89 -34.61 -16.64
N ALA B 453 31.58 -35.19 -17.79
CA ALA B 453 32.18 -34.76 -19.04
C ALA B 453 31.22 -33.98 -19.92
N ALA B 454 30.01 -33.77 -19.42
CA ALA B 454 29.01 -33.05 -20.20
C ALA B 454 28.96 -31.55 -19.92
N LEU B 455 28.64 -30.79 -20.96
CA LEU B 455 28.50 -29.35 -20.88
C LEU B 455 26.98 -29.17 -20.83
N TYR B 456 26.47 -28.91 -19.62
CA TYR B 456 25.04 -28.79 -19.39
C TYR B 456 24.55 -27.43 -18.90
N ALA B 457 23.29 -27.16 -19.22
CA ALA B 457 22.62 -25.93 -18.81
C ALA B 457 21.12 -26.22 -18.90
N SER B 458 20.32 -25.41 -18.22
CA SER B 458 18.87 -25.59 -18.25
C SER B 458 18.14 -24.26 -18.18
N GLY B 459 16.82 -24.32 -18.27
CA GLY B 459 16.03 -23.10 -18.17
C GLY B 459 15.80 -22.74 -16.72
N SER B 460 15.76 -23.76 -15.87
CA SER B 460 15.55 -23.57 -14.44
C SER B 460 16.77 -23.99 -13.62
N PRO B 461 16.96 -23.36 -12.46
CA PRO B 461 18.07 -23.63 -11.55
C PRO B 461 18.14 -25.03 -10.94
N PHE B 462 19.36 -25.52 -10.78
CA PHE B 462 19.64 -26.83 -10.19
C PHE B 462 20.77 -26.64 -9.19
N PRO B 463 20.61 -27.18 -7.97
CA PRO B 463 21.66 -27.06 -6.95
C PRO B 463 23.02 -27.53 -7.47
N ASN B 464 24.09 -27.10 -6.80
CA ASN B 464 25.42 -27.52 -7.23
C ASN B 464 25.57 -29.01 -6.97
N PHE B 465 26.19 -29.69 -7.92
CA PHE B 465 26.36 -31.13 -7.83
C PHE B 465 27.83 -31.58 -7.78
N GLU B 466 28.18 -32.31 -6.73
CA GLU B 466 29.54 -32.84 -6.54
C GLU B 466 29.62 -34.29 -6.99
N LEU B 467 30.59 -34.59 -7.85
CA LEU B 467 30.77 -35.93 -8.36
C LEU B 467 32.24 -36.35 -8.45
N ASN B 468 32.66 -37.26 -7.56
CA ASN B 468 34.03 -37.76 -7.54
C ASN B 468 35.01 -36.70 -7.09
N GLY B 469 34.61 -35.91 -6.09
CA GLY B 469 35.48 -34.86 -5.59
C GLY B 469 35.39 -33.54 -6.33
N HIS B 470 35.08 -33.60 -7.62
CA HIS B 470 34.94 -32.39 -8.42
C HIS B 470 33.54 -31.81 -8.25
N THR B 471 33.47 -30.50 -8.03
CA THR B 471 32.18 -29.83 -7.84
C THR B 471 31.65 -29.28 -9.16
N TYR B 472 30.33 -29.17 -9.27
CA TYR B 472 29.70 -28.64 -10.47
C TYR B 472 28.66 -27.59 -10.11
N LYS B 473 28.63 -26.52 -10.90
CA LYS B 473 27.68 -25.44 -10.69
C LYS B 473 27.04 -25.12 -12.03
N PRO B 474 26.10 -25.96 -12.48
CA PRO B 474 25.42 -25.77 -13.76
C PRO B 474 24.70 -24.42 -13.85
N GLY B 475 24.75 -23.81 -15.03
CA GLY B 475 24.12 -22.52 -15.22
C GLY B 475 22.76 -22.55 -15.90
N GLN B 476 22.06 -21.42 -15.83
CA GLN B 476 20.73 -21.28 -16.42
C GLN B 476 20.79 -20.36 -17.63
N GLY B 477 19.98 -20.67 -18.65
CA GLY B 477 19.96 -19.84 -19.85
C GLY B 477 18.90 -18.76 -19.70
N ASN B 478 19.12 -17.88 -18.73
CA ASN B 478 18.19 -16.80 -18.45
C ASN B 478 18.24 -15.61 -19.42
N ASN B 479 17.10 -15.30 -20.02
CA ASN B 479 17.01 -14.19 -20.95
C ASN B 479 17.54 -12.88 -20.38
N ALA B 480 17.54 -12.77 -19.05
CA ALA B 480 18.01 -11.58 -18.36
C ALA B 480 19.47 -11.22 -18.64
N TYR B 481 20.19 -12.10 -19.32
CA TYR B 481 21.59 -11.83 -19.64
C TYR B 481 21.70 -10.98 -20.88
N ILE B 482 20.63 -10.96 -21.67
CA ILE B 482 20.62 -10.25 -22.92
C ILE B 482 19.71 -9.02 -23.11
N PHE B 483 18.42 -9.15 -22.81
CA PHE B 483 17.52 -8.03 -23.05
C PHE B 483 17.85 -6.75 -22.30
N PRO B 484 18.43 -6.83 -21.09
CA PRO B 484 18.75 -5.59 -20.38
C PRO B 484 19.74 -4.74 -21.15
N GLY B 485 20.80 -5.39 -21.63
CA GLY B 485 21.84 -4.70 -22.36
C GLY B 485 21.36 -4.31 -23.74
N VAL B 486 20.70 -5.22 -24.46
CA VAL B 486 20.20 -4.89 -25.78
C VAL B 486 19.31 -3.64 -25.67
N ALA B 487 18.53 -3.57 -24.60
CA ALA B 487 17.64 -2.44 -24.36
C ALA B 487 18.45 -1.16 -24.04
N LEU B 488 19.40 -1.27 -23.13
CA LEU B 488 20.24 -0.13 -22.74
C LEU B 488 20.89 0.48 -23.97
N GLY B 489 21.49 -0.38 -24.79
CA GLY B 489 22.17 0.06 -25.98
C GLY B 489 21.26 0.67 -27.03
N THR B 490 20.10 0.08 -27.24
CA THR B 490 19.14 0.56 -28.23
C THR B 490 18.67 1.96 -27.85
N ILE B 491 18.32 2.14 -26.58
CA ILE B 491 17.85 3.43 -26.09
C ILE B 491 18.92 4.53 -26.14
N LEU B 492 20.01 4.30 -25.43
CA LEU B 492 21.05 5.32 -25.37
C LEU B 492 21.59 5.79 -26.70
N PHE B 493 21.63 4.93 -27.69
CA PHE B 493 22.16 5.34 -29.00
C PHE B 493 21.12 5.52 -30.08
N GLN B 494 19.86 5.39 -29.70
CA GLN B 494 18.77 5.56 -30.64
C GLN B 494 18.95 4.72 -31.89
N ILE B 495 19.22 3.44 -31.66
CA ILE B 495 19.40 2.49 -32.74
C ILE B 495 18.03 2.32 -33.42
N ARG B 496 17.98 2.53 -34.73
CA ARG B 496 16.71 2.46 -35.44
C ARG B 496 15.96 1.14 -35.33
N HIS B 497 16.67 0.04 -35.57
CA HIS B 497 16.06 -1.28 -35.52
C HIS B 497 17.01 -2.28 -34.89
N VAL B 498 16.46 -3.25 -34.17
CA VAL B 498 17.27 -4.26 -33.51
C VAL B 498 17.17 -5.52 -34.35
N ASP B 499 18.29 -6.03 -34.85
CA ASP B 499 18.23 -7.23 -35.67
C ASP B 499 19.12 -8.36 -35.16
N ASN B 500 19.09 -9.48 -35.87
CA ASN B 500 19.88 -10.64 -35.49
C ASN B 500 21.32 -10.28 -35.18
N ASP B 501 21.94 -9.49 -36.05
CA ASP B 501 23.32 -9.10 -35.82
C ASP B 501 23.58 -8.55 -34.43
N LEU B 502 22.68 -7.71 -33.93
CA LEU B 502 22.89 -7.13 -32.59
C LEU B 502 22.72 -8.16 -31.49
N PHE B 503 21.70 -9.01 -31.60
CA PHE B 503 21.48 -10.04 -30.57
C PHE B 503 22.68 -11.01 -30.54
N LEU B 504 23.17 -11.36 -31.73
CA LEU B 504 24.34 -12.24 -31.83
C LEU B 504 25.49 -11.54 -31.13
N LEU B 505 25.62 -10.25 -31.38
CA LEU B 505 26.67 -9.45 -30.77
C LEU B 505 26.52 -9.48 -29.26
N ALA B 506 25.27 -9.43 -28.80
CA ALA B 506 25.00 -9.48 -27.37
C ALA B 506 25.43 -10.86 -26.88
N ALA B 507 25.11 -11.87 -27.67
CA ALA B 507 25.44 -13.26 -27.36
C ALA B 507 26.95 -13.45 -27.17
N LYS B 508 27.73 -12.90 -28.09
CA LYS B 508 29.19 -13.02 -28.03
C LYS B 508 29.79 -12.28 -26.84
N LYS B 509 29.15 -11.20 -26.41
CA LYS B 509 29.68 -10.46 -25.27
C LYS B 509 29.45 -11.26 -24.00
N VAL B 510 28.25 -11.80 -23.83
CA VAL B 510 27.95 -12.60 -22.64
C VAL B 510 28.94 -13.76 -22.54
N ALA B 511 29.11 -14.48 -23.64
CA ALA B 511 30.04 -15.60 -23.67
C ALA B 511 31.45 -15.21 -23.25
N SER B 512 31.92 -14.06 -23.72
CA SER B 512 33.26 -13.60 -23.40
C SER B 512 33.47 -13.18 -21.95
N CYS B 513 32.39 -13.05 -21.20
CA CYS B 513 32.48 -12.64 -19.79
C CYS B 513 32.49 -13.84 -18.84
N VAL B 514 32.36 -15.04 -19.40
CA VAL B 514 32.38 -16.25 -18.61
C VAL B 514 33.85 -16.53 -18.28
N THR B 515 34.21 -16.37 -17.01
CA THR B 515 35.58 -16.59 -16.59
C THR B 515 36.04 -18.03 -16.78
N GLU B 516 37.34 -18.26 -16.62
CA GLU B 516 37.94 -19.58 -16.77
C GLU B 516 37.55 -20.46 -15.58
N ASP B 517 37.54 -19.86 -14.40
CA ASP B 517 37.19 -20.57 -13.18
C ASP B 517 35.75 -21.07 -13.20
N SER B 518 34.84 -20.26 -13.74
CA SER B 518 33.43 -20.66 -13.83
C SER B 518 33.29 -21.78 -14.84
N LEU B 519 34.21 -21.81 -15.79
CA LEU B 519 34.18 -22.82 -16.84
C LEU B 519 34.67 -24.16 -16.32
N LYS B 520 35.65 -24.13 -15.41
CA LYS B 520 36.21 -25.34 -14.84
C LYS B 520 35.18 -26.03 -13.95
N VAL B 521 34.25 -25.22 -13.43
CA VAL B 521 33.19 -25.72 -12.56
C VAL B 521 31.98 -26.12 -13.41
N GLY B 522 32.13 -26.02 -14.73
CA GLY B 522 31.06 -26.41 -15.62
C GLY B 522 29.95 -25.40 -15.89
N ARG B 523 30.12 -24.18 -15.40
CA ARG B 523 29.12 -23.13 -15.60
C ARG B 523 29.43 -22.38 -16.91
N VAL B 524 28.51 -22.44 -17.86
CA VAL B 524 28.72 -21.77 -19.15
C VAL B 524 28.02 -20.41 -19.27
N TYR B 525 27.64 -19.83 -18.14
CA TYR B 525 27.02 -18.51 -18.15
C TYR B 525 27.66 -17.65 -17.08
N PRO B 526 27.71 -16.33 -17.29
CA PRO B 526 28.31 -15.40 -16.34
C PRO B 526 27.52 -15.39 -15.03
N GLN B 527 28.07 -14.76 -13.99
CA GLN B 527 27.36 -14.67 -12.72
C GLN B 527 26.23 -13.67 -12.90
N LEU B 528 25.09 -13.91 -12.26
CA LEU B 528 23.95 -12.99 -12.38
C LEU B 528 24.27 -11.59 -11.87
N LYS B 529 25.07 -11.52 -10.82
CA LYS B 529 25.45 -10.23 -10.24
C LYS B 529 26.30 -9.39 -11.21
N GLU B 530 26.76 -10.02 -12.28
CA GLU B 530 27.61 -9.33 -13.25
C GLU B 530 26.85 -8.76 -14.43
N ILE B 531 25.54 -8.93 -14.45
CA ILE B 531 24.72 -8.46 -15.55
C ILE B 531 24.78 -6.95 -15.82
N ARG B 532 24.77 -6.12 -14.78
CA ARG B 532 24.86 -4.67 -15.00
C ARG B 532 26.09 -4.31 -15.82
N GLU B 533 27.24 -4.88 -15.45
CA GLU B 533 28.46 -4.60 -16.17
C GLU B 533 28.37 -5.21 -17.57
N ILE B 534 27.74 -6.36 -17.67
CA ILE B 534 27.58 -7.02 -18.96
C ILE B 534 26.72 -6.13 -19.87
N SER B 535 25.63 -5.58 -19.33
CA SER B 535 24.75 -4.71 -20.10
C SER B 535 25.54 -3.51 -20.65
N ILE B 536 26.31 -2.87 -19.78
CA ILE B 536 27.11 -1.73 -20.17
C ILE B 536 28.06 -2.06 -21.31
N GLN B 537 28.71 -3.22 -21.24
CA GLN B 537 29.64 -3.62 -22.29
C GLN B 537 28.89 -3.91 -23.58
N ILE B 538 27.65 -4.39 -23.45
CA ILE B 538 26.84 -4.71 -24.62
C ILE B 538 26.44 -3.43 -25.34
N ALA B 539 26.04 -2.41 -24.58
CA ALA B 539 25.63 -1.15 -25.18
C ALA B 539 26.82 -0.55 -25.92
N VAL B 540 28.00 -0.58 -25.31
CA VAL B 540 29.21 -0.05 -25.93
C VAL B 540 29.44 -0.77 -27.27
N GLU B 541 29.47 -2.09 -27.22
CA GLU B 541 29.69 -2.91 -28.41
C GLU B 541 28.61 -2.61 -29.46
N MET B 542 27.37 -2.44 -29.01
CA MET B 542 26.30 -2.13 -29.93
C MET B 542 26.55 -0.78 -30.60
N ALA B 543 26.96 0.20 -29.81
CA ALA B 543 27.25 1.52 -30.34
C ALA B 543 28.30 1.40 -31.46
N LYS B 544 29.44 0.76 -31.15
CA LYS B 544 30.50 0.58 -32.13
C LYS B 544 29.98 0.00 -33.43
N TYR B 545 29.20 -1.08 -33.33
CA TYR B 545 28.66 -1.74 -34.51
C TYR B 545 27.69 -0.85 -35.27
N CYS B 546 26.79 -0.18 -34.54
CA CYS B 546 25.80 0.67 -35.19
C CYS B 546 26.31 1.98 -35.79
N TYR B 547 27.37 2.54 -35.23
CA TYR B 547 27.90 3.76 -35.81
C TYR B 547 28.59 3.44 -37.12
N LYS B 548 29.28 2.30 -37.15
CA LYS B 548 29.97 1.84 -38.34
C LYS B 548 29.00 1.60 -39.49
N ASN B 549 27.82 1.05 -39.22
CA ASN B 549 26.88 0.81 -40.30
C ASN B 549 25.78 1.88 -40.41
N GLY B 550 25.95 2.96 -39.63
CA GLY B 550 25.00 4.06 -39.65
C GLY B 550 23.57 3.79 -39.24
N THR B 551 23.37 3.08 -38.13
CA THR B 551 22.03 2.77 -37.64
C THR B 551 21.78 3.37 -36.26
N ALA B 552 22.78 4.08 -35.75
CA ALA B 552 22.67 4.74 -34.45
C ALA B 552 22.31 6.21 -34.68
N ASN B 553 21.11 6.63 -34.31
CA ASN B 553 20.71 8.00 -34.50
C ASN B 553 21.27 9.04 -33.54
N LEU B 554 21.87 8.61 -32.43
CA LEU B 554 22.42 9.58 -31.51
C LEU B 554 23.55 10.30 -32.24
N TYR B 555 23.37 11.60 -32.44
CA TYR B 555 24.37 12.43 -33.12
C TYR B 555 24.91 13.49 -32.17
N PRO B 556 26.25 13.65 -32.11
CA PRO B 556 27.26 12.88 -32.84
C PRO B 556 27.70 11.70 -31.99
N GLN B 557 28.50 10.80 -32.56
CA GLN B 557 28.96 9.65 -31.78
C GLN B 557 29.69 10.21 -30.58
N PRO B 558 29.28 9.79 -29.38
CA PRO B 558 30.04 10.37 -28.27
C PRO B 558 31.52 9.99 -28.31
N GLU B 559 32.39 10.90 -27.85
CA GLU B 559 33.84 10.70 -27.84
C GLU B 559 34.28 9.42 -27.16
N ASP B 560 33.82 9.21 -25.93
CA ASP B 560 34.18 8.03 -25.16
C ASP B 560 32.91 7.26 -24.89
N LEU B 561 32.61 6.29 -25.74
CA LEU B 561 31.40 5.50 -25.61
C LEU B 561 31.15 4.97 -24.20
N GLU B 562 32.15 4.33 -23.60
CA GLU B 562 32.03 3.74 -22.27
C GLU B 562 31.79 4.77 -21.16
N LYS B 563 32.52 5.88 -21.20
CA LYS B 563 32.33 6.90 -20.18
C LYS B 563 30.92 7.47 -20.31
N TYR B 564 30.46 7.64 -21.53
CA TYR B 564 29.13 8.16 -21.81
C TYR B 564 28.09 7.22 -21.24
N VAL B 565 28.19 5.95 -21.60
CA VAL B 565 27.26 4.94 -21.11
C VAL B 565 27.22 4.92 -19.59
N ARG B 566 28.38 4.81 -18.93
CA ARG B 566 28.40 4.77 -17.46
C ARG B 566 27.81 6.02 -16.82
N ALA B 567 27.84 7.12 -17.54
CA ALA B 567 27.31 8.36 -17.01
C ALA B 567 25.79 8.40 -17.14
N GLN B 568 25.25 7.58 -18.03
CA GLN B 568 23.80 7.55 -18.26
C GLN B 568 23.01 6.53 -17.43
N VAL B 569 23.65 5.45 -17.00
CA VAL B 569 22.94 4.43 -16.26
C VAL B 569 22.41 4.85 -14.90
N TYR B 570 21.32 4.21 -14.50
CA TYR B 570 20.70 4.51 -13.22
C TYR B 570 21.67 4.36 -12.06
N ASN B 571 21.52 5.24 -11.09
CA ASN B 571 22.33 5.26 -9.87
C ASN B 571 21.40 5.08 -8.68
N THR B 572 21.53 3.96 -7.98
CA THR B 572 20.67 3.67 -6.82
C THR B 572 20.89 4.56 -5.60
N GLU B 573 21.99 5.29 -5.57
CA GLU B 573 22.28 6.18 -4.44
C GLU B 573 21.37 7.40 -4.37
N TYR B 574 21.02 7.80 -3.17
CA TYR B 574 20.18 8.98 -2.98
C TYR B 574 20.92 10.19 -3.59
N GLU B 575 20.15 11.15 -4.08
CA GLU B 575 20.73 12.34 -4.68
C GLU B 575 20.17 13.57 -3.97
N GLU B 576 20.95 14.64 -3.94
CA GLU B 576 20.49 15.87 -3.32
C GLU B 576 19.30 16.39 -4.12
N LEU B 577 18.26 16.85 -3.42
CA LEU B 577 17.07 17.36 -4.07
C LEU B 577 17.03 18.89 -4.04
N ILE B 578 17.81 19.48 -3.15
CA ILE B 578 17.85 20.93 -2.98
C ILE B 578 18.90 21.60 -3.89
N ASN B 579 18.53 22.74 -4.47
CA ASN B 579 19.42 23.47 -5.37
C ASN B 579 20.80 23.78 -4.79
N ALA B 580 21.82 23.64 -5.64
CA ALA B 580 23.19 23.95 -5.26
C ALA B 580 23.29 25.46 -5.43
N THR B 581 23.87 26.13 -4.44
CA THR B 581 24.02 27.58 -4.51
C THR B 581 25.49 27.93 -4.69
N TYR B 582 25.77 29.06 -5.34
CA TYR B 582 27.14 29.49 -5.57
C TYR B 582 27.24 31.02 -5.62
N ASP B 583 28.40 31.53 -5.22
CA ASP B 583 28.65 32.97 -5.20
C ASP B 583 28.99 33.57 -6.56
N TRP B 584 28.82 34.88 -6.65
CA TRP B 584 29.17 35.67 -7.82
C TRP B 584 30.23 36.62 -7.24
N PRO B 585 30.94 37.37 -8.10
CA PRO B 585 31.94 38.30 -7.54
C PRO B 585 31.27 39.15 -6.47
N GLU B 586 31.94 39.33 -5.33
CA GLU B 586 31.40 40.11 -4.22
C GLU B 586 30.69 41.40 -4.65
N GLN B 587 31.26 42.09 -5.63
CA GLN B 587 30.68 43.34 -6.11
C GLN B 587 29.41 43.17 -6.95
N ASP B 588 29.27 42.01 -7.59
CA ASP B 588 28.10 41.78 -8.44
C ASP B 588 26.89 41.17 -7.72
N MET B 589 27.02 40.92 -6.42
CA MET B 589 25.91 40.36 -5.65
C MET B 589 25.31 41.43 -4.76
N ARG B 590 26.02 42.54 -4.63
CA ARG B 590 25.58 43.66 -3.79
C ARG B 590 24.20 44.18 -4.18
N HIS B 591 23.35 44.40 -3.18
CA HIS B 591 22.01 44.93 -3.41
C HIS B 591 22.04 46.45 -3.23
N GLY B 592 21.39 47.18 -4.14
CA GLY B 592 21.37 48.64 -4.03
C GLY B 592 21.97 49.36 -5.22
N PHE B 593 21.70 50.66 -5.35
CA PHE B 593 22.24 51.46 -6.44
C PHE B 593 23.76 51.41 -6.51
#